data_8EFD
#
_entry.id   8EFD
#
_cell.length_a   1.00
_cell.length_b   1.00
_cell.length_c   1.00
_cell.angle_alpha   90.00
_cell.angle_beta   90.00
_cell.angle_gamma   90.00
#
_symmetry.space_group_name_H-M   'P 1'
#
loop_
_entity.id
_entity.type
_entity.pdbx_description
1 polymer 'Beta-cardiac myosin II'
2 polymer 'Myosin light chain 1/3, skeletal muscle isoform'
#
loop_
_entity_poly.entity_id
_entity_poly.type
_entity_poly.pdbx_seq_one_letter_code
_entity_poly.pdbx_strand_id
1 'polypeptide(L)'
;MGDSEMAVFGAAAPYLRKSEKERLEAQTRPFDLKKDVFVPDDKQEFVKAKIVSREGGKVTAETEYGKTVTVKEDQVMQQN
PPKFDKIEDMAMLTFLHEPAVLYNLKDRYGSWMIYTYSGLFCVTVNPYKWLPVYTPEVVAAYRGKKRSEAPPHIFSISDN
AYQYMLTDRENQSILITGESGAGKTVNTKRVIQYFAVIAAIGDRSKKDQSPGKGTLEDQIIQANPALEAFGNAKTVRNDN
SSRFGKFIRIHFGATGKLASADIETYLLEKSRVIFQLKAERDYHIFYQILSNKKPELLDMLLITNNPYDYAFISQGETTV
ASIDDAEELMATDNAFDVLGFTSEEKNSMYKLTGAIMHFGNMKFKLKQREEQAEPDGTEEADKSAYLMGLNSADLLKGLC
HPRVKVGNEYVTKGQNVQQVIYATGALAKAVYERMFNWMVTRINATLETKQPRQYFIGVLDIAGFEIFDFNSFEQLCINF
TNEKLQQFFNHHMFVLEQEEYKKEGIEWTFIDFGMDLQACIDLIEKPMGIMSILEEECMFPKATDMTFKAKLFDNHLGKS
ANFQKPRNIKGKPEAHFSLIHYAGIVDYNIIGWLQKNKDPLNETVVGLYQKSSLKLLSTLFANYAGADAPIEKGKGKAKK
GSSFQTVSALHRENLNKLMTNLRSTHPHFVRCIIPNETKSPGVMDNPLVMHQLRCNGVLEGIRICRKGFPNRILYGDFRQ
RYRILNPAAIPEGQFIDSRKGAEKLLSSLDIDHNQYKFGHTKVFFKAGLLGLLEEMRDERLSRIITRIQAQSRGVLARME
YKKLLERRDSLLVIQWNIRAFMGVKNWPWMKLYFKIKPLLKSGLNDIFEAQKIEWHEDYKDDDDK
;
A
2 'polypeptide(L)'
;MAPKKDVKKPAAAPAPAPAPAPAPAKPKEEKIDLSAIKIEFSKEQQEDFKEAFLLFDRTGECKITLSQVGDVLRALGTNP
TNAEVKKVLGNPSNEEMNAKKIEFEQFLPMMQAISNNKDQGGYEDFVEGLRVFDKEGNGTVMGAELRHVLATLGEKMKEE
EVEALLAGQEDSNGCINYEAFVKHIMSV
;
B
#
# COMPACT_ATOMS: atom_id res chain seq x y z
N GLU A 5 -12.27 -27.59 -4.77
CA GLU A 5 -11.98 -26.35 -5.47
C GLU A 5 -10.86 -25.57 -4.77
N MET A 6 -10.95 -25.51 -3.44
CA MET A 6 -10.00 -24.75 -2.65
C MET A 6 -9.49 -25.50 -1.43
N ALA A 7 -10.06 -26.67 -1.11
CA ALA A 7 -9.73 -27.37 0.12
C ALA A 7 -8.28 -27.86 0.15
N VAL A 8 -7.56 -27.77 -0.96
CA VAL A 8 -6.17 -28.25 -0.98
C VAL A 8 -5.34 -27.54 0.08
N PHE A 9 -5.68 -26.28 0.37
CA PHE A 9 -4.92 -25.49 1.34
C PHE A 9 -5.12 -25.97 2.77
N GLY A 10 -6.07 -26.87 3.02
CA GLY A 10 -6.22 -27.44 4.35
C GLY A 10 -6.48 -26.38 5.39
N ALA A 11 -5.70 -26.45 6.48
CA ALA A 11 -5.87 -25.50 7.57
C ALA A 11 -5.56 -24.06 7.14
N ALA A 12 -4.82 -23.87 6.05
CA ALA A 12 -4.56 -22.54 5.55
C ALA A 12 -5.71 -21.98 4.72
N ALA A 13 -6.74 -22.78 4.46
CA ALA A 13 -7.84 -22.32 3.61
C ALA A 13 -8.54 -21.09 4.16
N PRO A 14 -8.95 -21.03 5.42
CA PRO A 14 -9.73 -19.87 5.88
C PRO A 14 -9.00 -18.55 5.70
N TYR A 15 -7.69 -18.52 5.93
CA TYR A 15 -6.96 -17.26 5.91
C TYR A 15 -6.89 -16.67 4.50
N LEU A 16 -6.60 -17.52 3.51
CA LEU A 16 -6.53 -17.03 2.13
C LEU A 16 -7.91 -16.76 1.55
N ARG A 17 -8.93 -17.49 2.02
CA ARG A 17 -10.29 -17.26 1.55
C ARG A 17 -11.22 -17.96 2.53
N LYS A 18 -12.20 -17.20 3.06
CA LYS A 18 -13.02 -17.68 4.17
C LYS A 18 -13.76 -18.96 3.80
N SER A 19 -14.68 -18.87 2.84
CA SER A 19 -15.43 -20.03 2.38
C SER A 19 -16.39 -19.57 1.30
N GLU A 20 -17.00 -20.53 0.62
CA GLU A 20 -17.99 -20.21 -0.40
C GLU A 20 -19.21 -19.53 0.21
N LYS A 21 -19.65 -19.99 1.38
CA LYS A 21 -20.86 -19.49 2.00
C LYS A 21 -20.61 -18.46 3.09
N GLU A 22 -19.46 -18.54 3.78
CA GLU A 22 -19.21 -17.61 4.87
C GLU A 22 -19.20 -16.17 4.37
N ARG A 23 -18.40 -15.87 3.35
CA ARG A 23 -18.41 -14.53 2.78
C ARG A 23 -19.73 -14.23 2.10
N LEU A 24 -20.34 -15.22 1.46
CA LEU A 24 -21.64 -14.99 0.82
C LEU A 24 -22.71 -14.69 1.86
N GLU A 25 -22.80 -15.51 2.91
CA GLU A 25 -23.83 -15.27 3.92
C GLU A 25 -23.59 -13.96 4.65
N ALA A 26 -22.34 -13.64 4.95
CA ALA A 26 -22.03 -12.34 5.53
C ALA A 26 -22.21 -11.19 4.55
N GLN A 27 -22.33 -11.50 3.26
CA GLN A 27 -22.47 -10.45 2.26
C GLN A 27 -23.78 -9.68 2.44
N THR A 28 -24.87 -10.38 2.70
CA THR A 28 -26.19 -9.76 2.80
C THR A 28 -26.27 -8.98 4.10
N ARG A 29 -25.95 -7.69 4.04
CA ARG A 29 -26.03 -6.79 5.18
C ARG A 29 -26.73 -5.51 4.77
N PRO A 30 -27.40 -4.83 5.71
CA PRO A 30 -28.09 -3.59 5.37
C PRO A 30 -27.10 -2.49 5.01
N PHE A 31 -27.50 -1.63 4.09
CA PHE A 31 -26.67 -0.49 3.69
C PHE A 31 -27.51 0.45 2.85
N ASP A 32 -27.18 1.74 2.95
CA ASP A 32 -27.83 2.78 2.17
C ASP A 32 -26.80 3.40 1.23
N LEU A 33 -27.11 3.38 -0.07
CA LEU A 33 -26.20 4.00 -1.03
C LEU A 33 -26.26 5.52 -0.98
N LYS A 34 -27.23 6.08 -0.24
CA LYS A 34 -27.41 7.52 -0.17
C LYS A 34 -27.17 8.13 1.21
N LYS A 35 -27.29 7.32 2.28
CA LYS A 35 -27.19 7.88 3.63
C LYS A 35 -26.37 6.99 4.56
N ASP A 36 -25.39 6.27 4.01
CA ASP A 36 -24.46 5.48 4.81
C ASP A 36 -23.05 5.70 4.31
N VAL A 37 -22.68 6.97 4.12
CA VAL A 37 -21.44 7.34 3.49
C VAL A 37 -20.41 7.67 4.57
N PHE A 38 -19.14 7.76 4.17
CA PHE A 38 -18.06 8.02 5.11
C PHE A 38 -18.10 9.48 5.58
N VAL A 39 -17.33 9.76 6.63
CA VAL A 39 -17.25 11.10 7.19
C VAL A 39 -15.85 11.32 7.75
N PRO A 40 -15.23 12.48 7.53
CA PRO A 40 -13.91 12.72 8.12
C PRO A 40 -13.99 12.78 9.64
N ASP A 41 -12.89 12.36 10.27
CA ASP A 41 -12.75 12.37 11.72
C ASP A 41 -11.63 13.32 12.11
N ASP A 42 -11.44 13.48 13.42
CA ASP A 42 -10.44 14.40 13.95
C ASP A 42 -9.21 13.69 14.49
N LYS A 43 -9.37 12.57 15.19
CA LYS A 43 -8.25 11.82 15.74
C LYS A 43 -7.81 10.68 14.83
N GLN A 44 -8.75 9.87 14.34
CA GLN A 44 -8.44 8.83 13.37
C GLN A 44 -8.56 9.33 11.94
N GLU A 45 -9.04 10.56 11.72
CA GLU A 45 -9.13 11.18 10.42
C GLU A 45 -10.17 10.53 9.51
N PHE A 46 -10.78 9.44 9.97
CA PHE A 46 -11.79 8.74 9.19
C PHE A 46 -12.51 7.75 10.09
N VAL A 47 -13.83 7.73 10.02
CA VAL A 47 -14.65 6.83 10.83
C VAL A 47 -15.88 6.42 10.05
N LYS A 48 -16.48 5.31 10.47
CA LYS A 48 -17.74 4.85 9.91
C LYS A 48 -18.90 5.59 10.57
N ALA A 49 -19.80 6.13 9.75
CA ALA A 49 -20.92 6.88 10.29
C ALA A 49 -22.05 6.91 9.28
N LYS A 50 -23.22 7.28 9.76
CA LYS A 50 -24.43 7.43 8.95
C LYS A 50 -24.94 8.84 9.08
N ILE A 51 -25.48 9.37 7.97
CA ILE A 51 -26.01 10.73 7.92
C ILE A 51 -27.52 10.67 8.07
N VAL A 52 -28.06 11.49 8.97
CA VAL A 52 -29.50 11.49 9.21
C VAL A 52 -30.24 11.98 7.98
N SER A 53 -29.81 13.10 7.40
CA SER A 53 -30.47 13.67 6.24
C SER A 53 -29.58 14.76 5.66
N ARG A 54 -30.13 15.47 4.67
CA ARG A 54 -29.43 16.54 3.96
C ARG A 54 -29.93 17.87 4.52
N GLU A 55 -29.04 18.60 5.19
CA GLU A 55 -29.38 19.82 5.90
C GLU A 55 -28.47 20.98 5.49
N GLY A 56 -28.28 21.16 4.19
CA GLY A 56 -27.45 22.26 3.72
C GLY A 56 -25.99 21.99 4.00
N GLY A 57 -25.29 23.01 4.51
CA GLY A 57 -23.88 22.85 4.83
C GLY A 57 -23.60 21.99 6.04
N LYS A 58 -24.62 21.70 6.84
CA LYS A 58 -24.48 20.86 8.02
C LYS A 58 -25.10 19.50 7.76
N VAL A 59 -24.46 18.45 8.28
CA VAL A 59 -24.95 17.09 8.17
C VAL A 59 -24.84 16.43 9.53
N THR A 60 -25.89 15.75 9.95
CA THR A 60 -25.94 15.06 11.23
C THR A 60 -25.34 13.68 11.03
N ALA A 61 -24.10 13.51 11.50
CA ALA A 61 -23.37 12.26 11.35
C ALA A 61 -23.32 11.53 12.70
N GLU A 62 -23.70 10.26 12.69
CA GLU A 62 -23.63 9.41 13.88
C GLU A 62 -22.71 8.24 13.58
N THR A 63 -21.67 8.09 14.40
CA THR A 63 -20.70 7.03 14.23
C THR A 63 -20.89 5.95 15.29
N GLU A 64 -20.05 4.90 15.21
CA GLU A 64 -20.15 3.82 16.19
C GLU A 64 -19.86 4.31 17.60
N TYR A 65 -18.89 5.20 17.75
CA TYR A 65 -18.57 5.72 19.08
C TYR A 65 -19.74 6.54 19.64
N GLY A 66 -20.45 7.23 18.77
CA GLY A 66 -21.62 8.01 19.16
C GLY A 66 -21.33 9.49 19.24
N LYS A 67 -21.62 10.21 18.17
CA LYS A 67 -21.39 11.65 18.10
C LYS A 67 -22.43 12.26 17.18
N THR A 68 -22.49 13.59 17.20
CA THR A 68 -23.38 14.35 16.32
C THR A 68 -22.58 15.42 15.59
N VAL A 69 -21.37 15.07 15.16
CA VAL A 69 -20.52 16.02 14.46
C VAL A 69 -21.13 16.39 13.13
N THR A 70 -20.67 17.51 12.58
CA THR A 70 -21.13 18.01 11.29
C THR A 70 -19.94 18.23 10.37
N VAL A 71 -20.16 17.99 9.08
CA VAL A 71 -19.13 18.10 8.06
C VAL A 71 -19.74 18.81 6.85
N LYS A 72 -18.97 19.72 6.26
CA LYS A 72 -19.44 20.42 5.07
C LYS A 72 -19.68 19.41 3.95
N GLU A 73 -20.78 19.62 3.22
CA GLU A 73 -21.24 18.62 2.25
C GLU A 73 -20.33 18.49 1.04
N ASP A 74 -19.37 19.40 0.85
CA ASP A 74 -18.49 19.30 -0.30
C ASP A 74 -17.45 18.20 -0.14
N GLN A 75 -17.01 17.90 1.08
CA GLN A 75 -16.01 16.86 1.30
C GLN A 75 -16.61 15.56 1.81
N VAL A 76 -17.93 15.43 1.84
CA VAL A 76 -18.54 14.15 2.17
C VAL A 76 -18.30 13.18 1.03
N MET A 77 -18.11 11.91 1.37
CA MET A 77 -17.64 10.93 0.39
C MET A 77 -18.38 9.61 0.61
N GLN A 78 -18.74 8.97 -0.49
CA GLN A 78 -19.56 7.77 -0.45
C GLN A 78 -18.85 6.64 0.30
N GLN A 79 -19.58 5.57 0.53
CA GLN A 79 -19.09 4.39 1.23
C GLN A 79 -19.09 3.19 0.29
N ASN A 80 -18.22 2.23 0.59
CA ASN A 80 -18.10 1.06 -0.27
C ASN A 80 -19.42 0.28 -0.28
N PRO A 81 -19.80 -0.32 -1.41
CA PRO A 81 -21.00 -1.16 -1.41
C PRO A 81 -20.79 -2.40 -0.56
N PRO A 82 -21.88 -2.99 -0.05
CA PRO A 82 -21.70 -4.18 0.80
C PRO A 82 -21.30 -5.42 0.04
N LYS A 83 -21.92 -5.67 -1.12
CA LYS A 83 -21.61 -6.87 -1.89
C LYS A 83 -20.26 -6.80 -2.58
N PHE A 84 -19.60 -5.64 -2.58
CA PHE A 84 -18.26 -5.50 -3.13
C PHE A 84 -17.19 -5.52 -2.06
N ASP A 85 -17.56 -5.85 -0.82
CA ASP A 85 -16.61 -5.84 0.29
C ASP A 85 -15.70 -7.06 0.24
N LYS A 86 -14.61 -6.97 1.00
CA LYS A 86 -13.64 -8.07 1.12
C LYS A 86 -13.07 -8.46 -0.24
N ILE A 87 -12.87 -7.48 -1.12
CA ILE A 87 -12.35 -7.73 -2.45
C ILE A 87 -10.84 -7.94 -2.38
N GLU A 88 -10.34 -8.89 -3.17
CA GLU A 88 -8.91 -9.17 -3.15
C GLU A 88 -8.10 -8.03 -3.76
N ASP A 89 -8.56 -7.50 -4.90
CA ASP A 89 -7.88 -6.41 -5.58
C ASP A 89 -8.74 -5.16 -5.52
N MET A 90 -8.17 -4.07 -5.01
CA MET A 90 -8.91 -2.82 -4.92
C MET A 90 -9.19 -2.21 -6.28
N ALA A 91 -8.42 -2.59 -7.31
CA ALA A 91 -8.64 -2.04 -8.64
C ALA A 91 -10.04 -2.34 -9.16
N MET A 92 -10.68 -3.40 -8.68
CA MET A 92 -12.04 -3.74 -9.08
C MET A 92 -13.10 -2.99 -8.29
N LEU A 93 -12.72 -2.32 -7.21
CA LEU A 93 -13.70 -1.61 -6.38
C LEU A 93 -14.31 -0.46 -7.16
N THR A 94 -15.59 -0.20 -6.91
CA THR A 94 -16.35 0.80 -7.65
C THR A 94 -16.30 2.18 -7.01
N PHE A 95 -15.54 2.36 -5.93
CA PHE A 95 -15.39 3.65 -5.28
C PHE A 95 -13.98 3.72 -4.72
N LEU A 96 -13.07 4.35 -5.47
CA LEU A 96 -11.67 4.44 -5.09
C LEU A 96 -11.46 5.72 -4.29
N HIS A 97 -11.11 5.58 -3.02
CA HIS A 97 -10.88 6.71 -2.15
C HIS A 97 -9.81 6.37 -1.12
N GLU A 98 -9.23 7.40 -0.53
CA GLU A 98 -8.20 7.19 0.51
C GLU A 98 -8.73 6.36 1.67
N PRO A 99 -9.90 6.65 2.26
CA PRO A 99 -10.38 5.82 3.37
C PRO A 99 -10.92 4.47 2.95
N ALA A 100 -11.33 4.32 1.69
CA ALA A 100 -11.84 3.02 1.24
C ALA A 100 -10.77 1.96 1.35
N VAL A 101 -9.55 2.27 0.93
CA VAL A 101 -8.45 1.30 1.02
C VAL A 101 -8.18 0.94 2.47
N LEU A 102 -8.15 1.95 3.35
CA LEU A 102 -7.88 1.68 4.75
C LEU A 102 -8.95 0.77 5.33
N TYR A 103 -10.22 1.04 5.03
CA TYR A 103 -11.28 0.20 5.57
C TYR A 103 -11.24 -1.21 5.01
N ASN A 104 -10.96 -1.35 3.70
CA ASN A 104 -10.86 -2.68 3.13
C ASN A 104 -9.74 -3.47 3.81
N LEU A 105 -8.57 -2.85 3.96
CA LEU A 105 -7.45 -3.54 4.59
C LEU A 105 -7.75 -3.87 6.05
N LYS A 106 -8.38 -2.94 6.78
CA LYS A 106 -8.65 -3.18 8.19
C LYS A 106 -9.65 -4.31 8.37
N ASP A 107 -10.70 -4.36 7.53
CA ASP A 107 -11.65 -5.47 7.66
C ASP A 107 -11.04 -6.79 7.23
N ARG A 108 -10.19 -6.79 6.19
CA ARG A 108 -9.51 -8.02 5.81
C ARG A 108 -8.61 -8.52 6.94
N TYR A 109 -7.86 -7.61 7.56
CA TYR A 109 -7.01 -8.00 8.68
C TYR A 109 -7.83 -8.52 9.85
N GLY A 110 -8.95 -7.86 10.15
CA GLY A 110 -9.81 -8.34 11.22
C GLY A 110 -10.30 -9.74 10.96
N SER A 111 -10.67 -10.05 9.71
CA SER A 111 -11.14 -11.37 9.32
C SER A 111 -9.99 -12.34 9.05
N TRP A 112 -8.78 -12.03 9.51
CA TRP A 112 -7.61 -12.89 9.31
C TRP A 112 -7.36 -13.14 7.82
N MET A 113 -7.49 -12.08 7.02
CA MET A 113 -7.14 -12.09 5.61
C MET A 113 -5.95 -11.16 5.45
N ILE A 114 -4.75 -11.74 5.35
CA ILE A 114 -3.52 -10.97 5.45
C ILE A 114 -3.20 -10.29 4.12
N TYR A 115 -2.96 -11.09 3.08
CA TYR A 115 -2.50 -10.56 1.82
C TYR A 115 -3.64 -9.84 1.10
N THR A 116 -3.30 -8.84 0.29
CA THR A 116 -4.30 -8.10 -0.45
C THR A 116 -3.66 -7.45 -1.67
N TYR A 117 -4.22 -7.71 -2.84
CA TYR A 117 -3.76 -7.09 -4.07
C TYR A 117 -4.22 -5.65 -4.14
N SER A 118 -3.42 -4.81 -4.81
CA SER A 118 -3.78 -3.42 -5.09
C SER A 118 -3.41 -3.10 -6.52
N GLY A 119 -3.75 -3.99 -7.44
CA GLY A 119 -3.25 -3.91 -8.82
C GLY A 119 -1.97 -4.71 -8.98
N LEU A 120 -0.87 -4.02 -9.25
CA LEU A 120 0.43 -4.67 -9.27
C LEU A 120 0.96 -4.92 -7.86
N PHE A 121 0.71 -3.99 -6.94
CA PHE A 121 1.21 -4.12 -5.58
C PHE A 121 0.52 -5.27 -4.85
N CYS A 122 1.25 -5.87 -3.91
CA CYS A 122 0.73 -6.97 -3.09
C CYS A 122 0.99 -6.61 -1.63
N VAL A 123 0.05 -5.88 -1.03
CA VAL A 123 0.19 -5.46 0.37
C VAL A 123 0.06 -6.69 1.25
N THR A 124 0.92 -6.78 2.27
CA THR A 124 0.94 -7.94 3.17
C THR A 124 1.20 -7.42 4.58
N VAL A 125 0.12 -7.22 5.34
CA VAL A 125 0.27 -6.83 6.73
C VAL A 125 0.92 -7.97 7.51
N ASN A 126 1.57 -7.61 8.62
CA ASN A 126 2.34 -8.58 9.39
C ASN A 126 1.64 -8.88 10.71
N PRO A 127 0.91 -9.98 10.82
CA PRO A 127 0.30 -10.33 12.10
C PRO A 127 1.33 -10.92 13.05
N TYR A 128 1.21 -10.57 14.33
CA TYR A 128 2.13 -11.04 15.36
C TYR A 128 1.60 -12.34 15.98
N LYS A 129 1.32 -13.30 15.10
CA LYS A 129 0.84 -14.60 15.52
C LYS A 129 1.30 -15.64 14.50
N TRP A 130 1.45 -16.87 14.96
CA TRP A 130 1.84 -17.96 14.06
C TRP A 130 0.67 -18.33 13.17
N LEU A 131 0.99 -18.63 11.91
CA LEU A 131 0.02 -19.03 10.91
C LEU A 131 0.53 -20.25 10.18
N PRO A 132 -0.36 -21.02 9.54
CA PRO A 132 0.10 -22.12 8.68
C PRO A 132 0.51 -21.63 7.31
N VAL A 133 0.73 -20.33 7.18
CA VAL A 133 0.99 -19.71 5.88
C VAL A 133 2.22 -20.33 5.24
N TYR A 134 3.28 -20.55 6.02
CA TYR A 134 4.53 -21.10 5.52
C TYR A 134 4.61 -22.62 5.68
N THR A 135 3.46 -23.28 5.80
CA THR A 135 3.45 -24.73 5.93
C THR A 135 3.99 -25.38 4.66
N PRO A 136 4.84 -26.41 4.76
CA PRO A 136 5.38 -27.02 3.54
C PRO A 136 4.31 -27.53 2.59
N GLU A 137 3.20 -28.04 3.13
CA GLU A 137 2.11 -28.48 2.25
C GLU A 137 1.56 -27.32 1.43
N VAL A 138 1.45 -26.14 2.04
CA VAL A 138 0.91 -24.98 1.32
C VAL A 138 1.76 -24.67 0.11
N VAL A 139 3.07 -24.56 0.30
CA VAL A 139 3.96 -24.23 -0.80
C VAL A 139 3.98 -25.36 -1.83
N ALA A 140 3.95 -26.61 -1.35
CA ALA A 140 3.96 -27.74 -2.27
C ALA A 140 2.74 -27.70 -3.19
N ALA A 141 1.57 -27.41 -2.63
CA ALA A 141 0.35 -27.35 -3.43
C ALA A 141 0.19 -26.05 -4.20
N TYR A 142 0.94 -25.01 -3.84
CA TYR A 142 0.79 -23.71 -4.48
C TYR A 142 1.62 -23.58 -5.75
N ARG A 143 2.50 -24.55 -6.03
CA ARG A 143 3.37 -24.46 -7.18
C ARG A 143 2.58 -24.52 -8.47
N GLY A 144 2.97 -23.69 -9.43
CA GLY A 144 2.37 -23.70 -10.76
C GLY A 144 1.03 -23.01 -10.86
N LYS A 145 0.55 -22.39 -9.79
CA LYS A 145 -0.74 -21.71 -9.83
C LYS A 145 -0.59 -20.32 -10.45
N LYS A 146 -1.47 -19.99 -11.38
CA LYS A 146 -1.41 -18.70 -12.04
C LYS A 146 -1.76 -17.58 -11.07
N ARG A 147 -1.36 -16.36 -11.43
CA ARG A 147 -1.62 -15.20 -10.58
C ARG A 147 -3.12 -14.98 -10.39
N SER A 148 -3.90 -15.04 -11.48
CA SER A 148 -5.32 -14.74 -11.39
C SER A 148 -6.06 -15.78 -10.56
N GLU A 149 -5.85 -17.07 -10.87
CA GLU A 149 -6.63 -18.11 -10.22
C GLU A 149 -6.34 -18.17 -8.73
N ALA A 150 -5.07 -18.13 -8.35
CA ALA A 150 -4.70 -18.30 -6.95
C ALA A 150 -5.11 -17.08 -6.13
N PRO A 151 -5.31 -17.25 -4.82
CA PRO A 151 -5.57 -16.10 -3.95
C PRO A 151 -4.33 -15.23 -3.85
N PRO A 152 -4.48 -13.96 -3.46
CA PRO A 152 -3.31 -13.08 -3.36
C PRO A 152 -2.30 -13.63 -2.38
N HIS A 153 -1.03 -13.60 -2.77
CA HIS A 153 0.04 -14.12 -1.94
C HIS A 153 1.38 -13.81 -2.58
N ILE A 154 2.39 -13.60 -1.72
CA ILE A 154 3.73 -13.34 -2.23
C ILE A 154 4.23 -14.52 -3.04
N PHE A 155 3.89 -15.75 -2.62
CA PHE A 155 4.26 -16.91 -3.41
C PHE A 155 3.67 -16.85 -4.80
N SER A 156 2.48 -16.26 -4.94
CA SER A 156 1.87 -16.15 -6.26
C SER A 156 2.73 -15.32 -7.20
N ILE A 157 3.14 -14.12 -6.76
CA ILE A 157 3.98 -13.28 -7.60
C ILE A 157 5.35 -13.93 -7.80
N SER A 158 5.87 -14.61 -6.78
CA SER A 158 7.16 -15.29 -6.95
C SER A 158 7.08 -16.33 -8.06
N ASP A 159 6.02 -17.15 -8.04
CA ASP A 159 5.85 -18.15 -9.09
C ASP A 159 5.62 -17.52 -10.44
N ASN A 160 4.86 -16.41 -10.48
CA ASN A 160 4.62 -15.75 -11.75
C ASN A 160 5.93 -15.21 -12.34
N ALA A 161 6.77 -14.61 -11.49
CA ALA A 161 8.06 -14.13 -11.96
C ALA A 161 8.96 -15.28 -12.41
N TYR A 162 8.93 -16.39 -11.67
CA TYR A 162 9.70 -17.56 -12.09
C TYR A 162 9.28 -18.04 -13.47
N GLN A 163 7.96 -18.15 -13.69
CA GLN A 163 7.46 -18.56 -14.98
C GLN A 163 7.84 -17.58 -16.08
N TYR A 164 7.76 -16.28 -15.79
CA TYR A 164 8.12 -15.28 -16.78
C TYR A 164 9.60 -15.38 -17.14
N MET A 165 10.46 -15.58 -16.14
CA MET A 165 11.88 -15.75 -16.42
C MET A 165 12.14 -16.99 -17.26
N LEU A 166 11.46 -18.10 -16.94
CA LEU A 166 11.64 -19.31 -17.72
C LEU A 166 11.20 -19.13 -19.17
N THR A 167 10.05 -18.48 -19.37
CA THR A 167 9.49 -18.40 -20.71
C THR A 167 10.13 -17.30 -21.54
N ASP A 168 10.03 -16.05 -21.06
CA ASP A 168 10.51 -14.91 -21.83
C ASP A 168 12.04 -14.88 -21.97
N ARG A 169 12.76 -15.73 -21.23
CA ARG A 169 14.22 -15.70 -21.23
C ARG A 169 14.72 -14.31 -20.84
N GLU A 170 14.02 -13.68 -19.90
CA GLU A 170 14.31 -12.32 -19.47
C GLU A 170 14.37 -12.28 -17.95
N ASN A 171 15.24 -11.41 -17.44
CA ASN A 171 15.44 -11.32 -16.01
C ASN A 171 14.23 -10.69 -15.33
N GLN A 172 13.94 -11.15 -14.11
CA GLN A 172 12.88 -10.61 -13.28
C GLN A 172 13.44 -10.26 -11.92
N SER A 173 13.06 -9.11 -11.39
CA SER A 173 13.52 -8.64 -10.09
C SER A 173 12.34 -8.14 -9.28
N ILE A 174 12.43 -8.32 -7.96
CA ILE A 174 11.36 -7.95 -7.03
C ILE A 174 11.91 -6.91 -6.06
N LEU A 175 11.10 -5.90 -5.78
CA LEU A 175 11.44 -4.83 -4.86
C LEU A 175 10.38 -4.79 -3.76
N ILE A 176 10.82 -4.76 -2.50
CA ILE A 176 9.90 -4.74 -1.36
C ILE A 176 10.07 -3.43 -0.63
N THR A 177 8.94 -2.85 -0.20
CA THR A 177 8.93 -1.61 0.55
C THR A 177 8.10 -1.77 1.81
N GLY A 178 8.58 -1.19 2.90
CA GLY A 178 7.87 -1.29 4.17
C GLY A 178 8.73 -0.78 5.30
N GLU A 179 8.40 -1.23 6.52
CA GLU A 179 9.12 -0.85 7.72
C GLU A 179 10.08 -1.97 8.12
N SER A 180 11.36 -1.65 8.23
CA SER A 180 12.35 -2.65 8.61
C SER A 180 12.23 -2.99 10.09
N GLY A 181 12.41 -4.27 10.41
CA GLY A 181 12.33 -4.74 11.77
C GLY A 181 10.95 -5.22 12.19
N ALA A 182 9.92 -4.91 11.40
CA ALA A 182 8.56 -5.36 11.70
C ALA A 182 8.18 -6.61 10.93
N GLY A 183 9.12 -7.22 10.22
CA GLY A 183 8.84 -8.39 9.41
C GLY A 183 9.58 -8.39 8.10
N LYS A 184 10.32 -7.33 7.81
CA LYS A 184 11.10 -7.25 6.58
C LYS A 184 12.03 -8.45 6.48
N THR A 185 12.79 -8.72 7.53
CA THR A 185 13.72 -9.84 7.52
C THR A 185 12.98 -11.15 7.33
N VAL A 186 11.85 -11.33 8.02
CA VAL A 186 11.07 -12.56 7.87
C VAL A 186 10.56 -12.69 6.44
N ASN A 187 10.07 -11.58 5.87
CA ASN A 187 9.54 -11.62 4.52
C ASN A 187 10.61 -12.04 3.52
N THR A 188 11.78 -11.39 3.58
CA THR A 188 12.83 -11.74 2.63
C THR A 188 13.34 -13.16 2.86
N LYS A 189 13.46 -13.57 4.12
CA LYS A 189 13.90 -14.93 4.41
C LYS A 189 12.95 -15.95 3.83
N ARG A 190 11.65 -15.75 4.00
CA ARG A 190 10.69 -16.70 3.45
C ARG A 190 10.69 -16.66 1.92
N VAL A 191 10.89 -15.48 1.33
CA VAL A 191 10.95 -15.40 -0.13
C VAL A 191 12.13 -16.23 -0.66
N ILE A 192 13.31 -16.04 -0.07
CA ILE A 192 14.46 -16.80 -0.53
C ILE A 192 14.29 -18.28 -0.24
N GLN A 193 13.63 -18.62 0.86
CA GLN A 193 13.31 -20.03 1.14
C GLN A 193 12.41 -20.60 0.05
N TYR A 194 11.42 -19.83 -0.39
CA TYR A 194 10.53 -20.31 -1.45
C TYR A 194 11.31 -20.55 -2.73
N PHE A 195 12.21 -19.62 -3.10
CA PHE A 195 13.11 -19.93 -4.22
C PHE A 195 13.88 -21.21 -3.97
N ALA A 196 14.39 -21.40 -2.76
CA ALA A 196 15.19 -22.58 -2.48
C ALA A 196 14.40 -23.86 -2.70
N VAL A 197 13.13 -23.87 -2.30
CA VAL A 197 12.30 -25.06 -2.49
C VAL A 197 12.17 -25.38 -3.98
N LEU A 216 21.32 -21.52 -0.47
CA LEU A 216 22.28 -21.10 0.55
C LEU A 216 21.58 -20.28 1.63
N GLU A 217 20.40 -20.75 2.03
CA GLU A 217 19.63 -20.04 3.05
C GLU A 217 20.45 -19.85 4.32
N ASP A 218 21.13 -20.92 4.78
CA ASP A 218 21.92 -20.82 5.99
C ASP A 218 22.99 -19.75 5.87
N GLN A 219 23.68 -19.72 4.72
CA GLN A 219 24.73 -18.72 4.53
C GLN A 219 24.16 -17.31 4.54
N ILE A 220 23.01 -17.11 3.89
CA ILE A 220 22.41 -15.78 3.83
C ILE A 220 22.03 -15.32 5.23
N ILE A 221 21.39 -16.19 6.01
CA ILE A 221 20.97 -15.81 7.35
C ILE A 221 22.16 -15.61 8.28
N GLN A 222 23.26 -16.33 8.05
CA GLN A 222 24.45 -16.14 8.87
C GLN A 222 25.16 -14.84 8.52
N ALA A 223 25.13 -14.45 7.25
CA ALA A 223 25.79 -13.22 6.83
C ALA A 223 24.98 -11.98 7.18
N ASN A 224 23.65 -12.08 7.16
CA ASN A 224 22.82 -10.88 7.35
C ASN A 224 23.15 -10.11 8.62
N PRO A 225 23.33 -10.75 9.78
CA PRO A 225 23.60 -9.95 11.00
C PRO A 225 24.81 -9.05 10.88
N ALA A 226 25.87 -9.50 10.22
CA ALA A 226 27.07 -8.67 10.10
C ALA A 226 26.77 -7.40 9.31
N LEU A 227 26.13 -7.55 8.14
CA LEU A 227 25.78 -6.37 7.36
C LEU A 227 24.83 -5.47 8.11
N GLU A 228 23.85 -6.06 8.80
CA GLU A 228 22.92 -5.25 9.58
C GLU A 228 23.67 -4.42 10.63
N ALA A 229 24.60 -5.04 11.34
CA ALA A 229 25.38 -4.30 12.32
C ALA A 229 26.19 -3.20 11.66
N PHE A 230 26.79 -3.48 10.51
CA PHE A 230 27.59 -2.47 9.83
C PHE A 230 26.74 -1.36 9.24
N GLY A 231 25.54 -1.67 8.78
CA GLY A 231 24.75 -0.72 8.02
C GLY A 231 23.40 -0.35 8.61
N ASN A 232 23.34 -0.17 9.93
CA ASN A 232 22.10 0.25 10.58
C ASN A 232 22.40 1.29 11.65
N ALA A 233 21.40 2.13 11.91
CA ALA A 233 21.50 3.14 12.95
C ALA A 233 20.10 3.41 13.50
N LYS A 234 20.05 3.96 14.71
CA LYS A 234 18.79 4.24 15.36
C LYS A 234 18.21 5.54 14.83
N THR A 235 16.96 5.50 14.37
CA THR A 235 16.29 6.67 13.84
C THR A 235 15.18 7.12 14.78
N VAL A 236 14.53 8.23 14.42
CA VAL A 236 13.47 8.78 15.25
C VAL A 236 12.31 7.80 15.35
N ARG A 237 11.92 7.21 14.21
CA ARG A 237 10.81 6.27 14.20
C ARG A 237 11.28 4.83 14.39
N ASN A 238 12.24 4.38 13.59
CA ASN A 238 12.75 3.02 13.65
C ASN A 238 14.12 3.04 14.31
N ASP A 239 14.32 2.15 15.29
CA ASP A 239 15.56 2.09 16.04
C ASP A 239 16.60 1.17 15.40
N ASN A 240 16.26 0.49 14.31
CA ASN A 240 17.20 -0.39 13.60
C ASN A 240 17.08 -0.14 12.10
N SER A 241 17.09 1.14 11.71
CA SER A 241 16.92 1.50 10.31
C SER A 241 18.05 0.92 9.47
N SER A 242 17.70 0.41 8.28
CA SER A 242 18.67 -0.09 7.32
C SER A 242 18.94 0.99 6.30
N ARG A 243 19.99 1.78 6.53
CA ARG A 243 20.25 2.95 5.67
C ARG A 243 20.61 2.51 4.25
N PHE A 244 21.53 1.56 4.12
CA PHE A 244 21.99 1.16 2.79
C PHE A 244 20.94 0.34 2.07
N GLY A 245 21.02 0.36 0.74
CA GLY A 245 20.15 -0.46 -0.08
C GLY A 245 20.82 -1.76 -0.46
N LYS A 246 20.17 -2.89 -0.16
CA LYS A 246 20.75 -4.21 -0.36
C LYS A 246 20.07 -4.90 -1.53
N PHE A 247 20.88 -5.40 -2.48
CA PHE A 247 20.38 -6.09 -3.65
C PHE A 247 20.98 -7.48 -3.71
N ILE A 248 20.13 -8.50 -3.69
CA ILE A 248 20.55 -9.89 -3.71
C ILE A 248 20.05 -10.52 -5.01
N ARG A 249 20.97 -11.10 -5.77
CA ARG A 249 20.66 -11.74 -7.03
C ARG A 249 20.77 -13.24 -6.89
N ILE A 250 19.67 -13.95 -7.14
CA ILE A 250 19.65 -15.40 -7.14
C ILE A 250 19.97 -15.84 -8.57
N HIS A 251 21.23 -16.19 -8.80
CA HIS A 251 21.63 -16.69 -10.11
C HIS A 251 21.14 -18.12 -10.29
N PHE A 252 20.48 -18.36 -11.41
CA PHE A 252 19.87 -19.64 -11.73
C PHE A 252 20.69 -20.33 -12.82
N GLY A 253 20.21 -21.49 -13.28
CA GLY A 253 20.81 -22.22 -14.36
C GLY A 253 20.04 -22.06 -15.66
N ALA A 254 20.62 -22.63 -16.72
CA ALA A 254 19.97 -22.58 -18.03
C ALA A 254 18.63 -23.30 -18.01
N THR A 255 18.56 -24.44 -17.33
CA THR A 255 17.33 -25.21 -17.20
C THR A 255 16.48 -24.73 -16.03
N GLY A 256 16.69 -23.50 -15.57
CA GLY A 256 15.91 -22.98 -14.45
C GLY A 256 16.18 -23.68 -13.14
N LYS A 257 17.44 -23.97 -12.83
CA LYS A 257 17.83 -24.57 -11.57
C LYS A 257 18.68 -23.57 -10.78
N LEU A 258 18.46 -23.53 -9.46
CA LEU A 258 19.22 -22.62 -8.61
C LEU A 258 20.71 -22.87 -8.78
N ALA A 259 21.47 -21.79 -8.95
CA ALA A 259 22.91 -21.88 -9.16
C ALA A 259 23.70 -21.28 -7.99
N SER A 260 23.45 -20.03 -7.64
CA SER A 260 24.24 -19.38 -6.60
C SER A 260 23.57 -18.07 -6.21
N ALA A 261 24.22 -17.33 -5.33
CA ALA A 261 23.71 -16.07 -4.80
C ALA A 261 24.78 -15.00 -4.87
N ASP A 262 24.36 -13.76 -5.12
CA ASP A 262 25.23 -12.60 -5.16
C ASP A 262 24.61 -11.50 -4.32
N ILE A 263 25.45 -10.69 -3.67
CA ILE A 263 24.99 -9.63 -2.79
C ILE A 263 25.74 -8.35 -3.12
N GLU A 264 25.01 -7.23 -3.19
CA GLU A 264 25.58 -5.93 -3.44
C GLU A 264 24.91 -4.91 -2.55
N THR A 265 25.61 -3.82 -2.27
CA THR A 265 25.08 -2.71 -1.50
C THR A 265 25.29 -1.42 -2.25
N TYR A 266 24.25 -0.58 -2.26
CA TYR A 266 24.28 0.70 -2.94
C TYR A 266 23.70 1.78 -2.05
N LEU A 267 24.13 3.01 -2.29
CA LEU A 267 23.57 4.18 -1.60
C LEU A 267 23.72 4.04 -0.09
N LEU A 268 24.97 3.98 0.36
CA LEU A 268 25.29 3.95 1.78
C LEU A 268 25.59 5.38 2.24
N GLU A 269 24.81 5.87 3.19
CA GLU A 269 24.97 7.23 3.67
C GLU A 269 26.25 7.36 4.47
N LYS A 270 27.00 8.43 4.22
CA LYS A 270 28.26 8.69 4.90
C LYS A 270 28.22 9.89 5.83
N SER A 271 27.35 10.87 5.56
CA SER A 271 27.22 12.00 6.48
C SER A 271 26.80 11.53 7.86
N ARG A 272 25.87 10.58 7.92
CA ARG A 272 25.45 10.03 9.20
C ARG A 272 26.65 9.47 9.97
N VAL A 273 27.66 8.97 9.25
CA VAL A 273 28.86 8.45 9.91
C VAL A 273 29.57 9.57 10.68
N ILE A 274 29.67 10.75 10.07
CA ILE A 274 30.41 11.85 10.67
C ILE A 274 29.52 12.73 11.53
N PHE A 275 28.33 13.06 11.04
CA PHE A 275 27.39 13.93 11.74
C PHE A 275 26.17 13.14 12.17
N GLN A 276 25.68 13.43 13.38
CA GLN A 276 24.49 12.80 13.92
C GLN A 276 23.49 13.87 14.34
N LEU A 277 22.22 13.63 14.07
CA LEU A 277 21.17 14.55 14.47
C LEU A 277 20.89 14.42 15.96
N LYS A 278 20.11 15.35 16.49
CA LYS A 278 19.80 15.32 17.91
C LYS A 278 19.06 14.05 18.29
N ALA A 279 18.09 13.64 17.46
CA ALA A 279 17.31 12.43 17.69
C ALA A 279 17.82 11.26 16.87
N GLU A 280 19.13 11.18 16.64
CA GLU A 280 19.73 10.13 15.84
C GLU A 280 21.00 9.64 16.52
N ARG A 281 21.41 8.43 16.14
CA ARG A 281 22.64 7.83 16.61
C ARG A 281 23.48 7.40 15.42
N ASP A 282 24.78 7.30 15.63
CA ASP A 282 25.68 6.80 14.61
C ASP A 282 25.43 5.31 14.41
N TYR A 283 26.21 4.67 13.55
CA TYR A 283 26.02 3.25 13.30
C TYR A 283 26.30 2.45 14.56
N HIS A 284 25.63 1.31 14.67
CA HIS A 284 25.70 0.50 15.89
C HIS A 284 27.10 -0.02 16.18
N ILE A 285 28.01 0.02 15.20
CA ILE A 285 29.33 -0.57 15.38
C ILE A 285 30.01 0.02 16.62
N PHE A 286 30.29 1.32 16.59
CA PHE A 286 31.07 1.94 17.65
C PHE A 286 30.50 1.62 19.02
N TYR A 287 29.17 1.73 19.17
CA TYR A 287 28.55 1.42 20.45
C TYR A 287 28.80 -0.04 20.82
N GLN A 288 28.68 -0.95 19.86
CA GLN A 288 28.91 -2.35 20.16
C GLN A 288 30.32 -2.60 20.65
N ILE A 289 31.33 -2.06 19.96
CA ILE A 289 32.71 -2.26 20.39
C ILE A 289 32.92 -1.66 21.78
N LEU A 290 32.27 -0.53 22.08
CA LEU A 290 32.43 0.06 23.40
C LEU A 290 31.96 -0.85 24.52
N SER A 291 31.33 -1.98 24.22
CA SER A 291 30.95 -2.93 25.26
C SER A 291 32.19 -3.39 26.02
N ASN A 292 32.06 -3.47 27.34
CA ASN A 292 33.21 -3.81 28.18
C ASN A 292 33.51 -5.30 28.17
N LYS A 293 32.58 -6.14 27.71
CA LYS A 293 32.74 -7.58 27.85
C LYS A 293 33.89 -8.16 27.04
N LYS A 294 34.64 -7.33 26.31
CA LYS A 294 35.80 -7.77 25.55
C LYS A 294 36.98 -6.87 25.95
N PRO A 295 37.56 -7.11 27.12
CA PRO A 295 38.64 -6.21 27.58
C PRO A 295 39.82 -6.11 26.64
N GLU A 296 40.15 -7.20 25.93
CA GLU A 296 41.34 -7.17 25.08
C GLU A 296 41.20 -6.17 23.93
N LEU A 297 40.04 -6.13 23.29
CA LEU A 297 39.85 -5.22 22.16
C LEU A 297 39.93 -3.77 22.63
N LEU A 298 39.23 -3.44 23.71
CA LEU A 298 39.31 -2.08 24.24
C LEU A 298 40.74 -1.74 24.65
N ASP A 299 41.45 -2.73 25.21
CA ASP A 299 42.84 -2.51 25.61
C ASP A 299 43.71 -2.16 24.41
N MET A 300 43.57 -2.90 23.31
CA MET A 300 44.43 -2.70 22.17
C MET A 300 43.89 -1.68 21.19
N LEU A 301 42.74 -1.05 21.49
CA LEU A 301 42.27 0.11 20.75
C LEU A 301 42.65 1.42 21.43
N LEU A 302 43.03 1.40 22.71
CA LEU A 302 43.38 2.60 23.46
C LEU A 302 42.18 3.57 23.49
N ILE A 303 41.13 3.11 24.17
CA ILE A 303 39.87 3.82 24.25
C ILE A 303 39.59 4.17 25.71
N THR A 304 39.06 5.37 25.94
CA THR A 304 38.69 5.79 27.28
C THR A 304 37.42 5.12 27.79
N ASN A 305 36.69 4.43 26.92
CA ASN A 305 35.45 3.72 27.25
C ASN A 305 34.30 4.67 27.56
N ASN A 306 34.45 5.96 27.28
CA ASN A 306 33.37 6.93 27.46
C ASN A 306 33.05 7.58 26.13
N PRO A 307 31.91 7.27 25.49
CA PRO A 307 31.60 7.90 24.21
C PRO A 307 31.56 9.41 24.26
N TYR A 308 31.27 9.99 25.43
CA TYR A 308 31.24 11.44 25.56
C TYR A 308 32.61 12.07 25.29
N ASP A 309 33.68 11.28 25.34
CA ASP A 309 35.02 11.79 25.10
C ASP A 309 35.29 12.05 23.63
N TYR A 310 34.40 11.63 22.73
CA TYR A 310 34.66 11.64 21.31
C TYR A 310 33.53 12.33 20.56
N ALA A 311 33.90 13.21 19.62
CA ALA A 311 32.91 13.98 18.88
C ALA A 311 32.19 13.15 17.83
N PHE A 312 32.87 12.17 17.23
CA PHE A 312 32.26 11.38 16.17
C PHE A 312 31.10 10.53 16.65
N ILE A 313 30.93 10.35 17.96
CA ILE A 313 29.92 9.44 18.49
C ILE A 313 28.91 10.21 19.33
N SER A 314 29.39 10.84 20.41
CA SER A 314 28.51 11.54 21.34
C SER A 314 27.93 12.82 20.77
N GLN A 315 28.22 13.17 19.52
CA GLN A 315 27.62 14.35 18.91
C GLN A 315 26.10 14.26 18.93
N GLY A 316 25.56 13.09 18.60
CA GLY A 316 24.13 12.85 18.64
C GLY A 316 23.69 12.22 19.95
N GLU A 317 22.60 11.46 19.89
CA GLU A 317 22.11 10.79 21.08
C GLU A 317 23.11 9.76 21.56
N THR A 318 23.33 9.72 22.87
CA THR A 318 24.36 8.86 23.45
C THR A 318 24.08 7.39 23.20
N THR A 319 23.00 6.86 23.78
CA THR A 319 22.72 5.44 23.69
C THR A 319 21.26 5.19 24.06
N VAL A 320 20.74 4.06 23.58
CA VAL A 320 19.39 3.63 23.88
C VAL A 320 19.43 2.15 24.21
N ALA A 321 18.41 1.69 24.96
CA ALA A 321 18.32 0.28 25.32
C ALA A 321 18.18 -0.56 24.06
N SER A 322 17.07 -0.39 23.35
CA SER A 322 16.81 -1.12 22.10
C SER A 322 17.23 -2.57 22.23
N ILE A 323 18.00 -3.08 21.26
CA ILE A 323 18.52 -4.43 21.31
C ILE A 323 19.83 -4.43 22.08
N ASP A 324 20.22 -5.59 22.60
CA ASP A 324 21.41 -5.69 23.42
C ASP A 324 22.65 -5.60 22.54
N ASP A 325 23.47 -4.56 22.77
CA ASP A 325 24.68 -4.37 21.98
C ASP A 325 25.68 -5.50 22.22
N ALA A 326 25.81 -5.95 23.47
CA ALA A 326 26.77 -7.01 23.78
C ALA A 326 26.47 -8.28 22.99
N GLU A 327 25.21 -8.73 23.03
CA GLU A 327 24.85 -9.94 22.32
C GLU A 327 24.96 -9.75 20.81
N GLU A 328 24.65 -8.56 20.30
CA GLU A 328 24.80 -8.32 18.88
C GLU A 328 26.27 -8.42 18.46
N LEU A 329 27.18 -7.86 19.28
CA LEU A 329 28.60 -7.98 18.94
C LEU A 329 29.07 -9.41 19.02
N MET A 330 28.61 -10.17 20.03
CA MET A 330 28.89 -11.59 20.08
C MET A 330 28.45 -12.26 18.77
N ALA A 331 27.22 -12.00 18.34
CA ALA A 331 26.72 -12.63 17.13
C ALA A 331 27.58 -12.27 15.93
N THR A 332 27.93 -10.98 15.80
CA THR A 332 28.71 -10.55 14.64
C THR A 332 30.09 -11.18 14.64
N ASP A 333 30.78 -11.19 15.78
CA ASP A 333 32.13 -11.72 15.79
C ASP A 333 32.13 -13.23 15.59
N ASN A 334 31.14 -13.94 16.13
CA ASN A 334 31.05 -15.37 15.87
C ASN A 334 30.73 -15.64 14.41
N ALA A 335 29.86 -14.83 13.81
CA ALA A 335 29.60 -14.97 12.38
C ALA A 335 30.88 -14.78 11.57
N PHE A 336 31.68 -13.77 11.94
CA PHE A 336 32.98 -13.61 11.31
C PHE A 336 33.83 -14.85 11.50
N ASP A 337 33.84 -15.41 12.72
CA ASP A 337 34.61 -16.62 12.97
C ASP A 337 34.15 -17.76 12.06
N VAL A 338 32.85 -18.03 12.05
CA VAL A 338 32.30 -19.07 11.17
C VAL A 338 31.95 -18.38 9.86
N LEU A 339 32.96 -18.22 9.01
CA LEU A 339 32.81 -17.58 7.72
C LEU A 339 34.14 -17.72 6.98
N GLY A 340 34.14 -17.32 5.71
CA GLY A 340 35.26 -17.63 4.84
C GLY A 340 36.60 -17.13 5.34
N PHE A 341 36.63 -15.92 5.89
CA PHE A 341 37.91 -15.28 6.17
C PHE A 341 38.43 -15.63 7.56
N THR A 342 39.67 -15.21 7.81
CA THR A 342 40.42 -15.61 8.99
C THR A 342 40.07 -14.72 10.18
N SER A 343 40.85 -14.84 11.25
CA SER A 343 40.61 -14.10 12.48
C SER A 343 41.44 -12.84 12.62
N GLU A 344 42.65 -12.83 12.05
CA GLU A 344 43.52 -11.66 12.21
C GLU A 344 42.87 -10.40 11.62
N GLU A 345 42.22 -10.53 10.47
CA GLU A 345 41.63 -9.36 9.85
C GLU A 345 40.44 -8.84 10.64
N LYS A 346 39.86 -9.66 11.53
CA LYS A 346 38.87 -9.13 12.46
C LYS A 346 39.49 -8.07 13.36
N ASN A 347 40.64 -8.39 13.95
CA ASN A 347 41.38 -7.39 14.70
C ASN A 347 41.77 -6.22 13.81
N SER A 348 42.16 -6.51 12.57
CA SER A 348 42.52 -5.43 11.64
C SER A 348 41.39 -4.45 11.46
N MET A 349 40.18 -4.95 11.19
CA MET A 349 39.04 -4.08 10.95
C MET A 349 38.61 -3.37 12.23
N TYR A 350 38.67 -4.04 13.37
CA TYR A 350 38.33 -3.37 14.62
C TYR A 350 39.29 -2.22 14.91
N LYS A 351 40.60 -2.45 14.71
CA LYS A 351 41.55 -1.37 14.92
C LYS A 351 41.37 -0.26 13.90
N LEU A 352 41.04 -0.61 12.65
CA LEU A 352 40.81 0.41 11.63
C LEU A 352 39.63 1.29 11.99
N THR A 353 38.53 0.70 12.44
CA THR A 353 37.37 1.50 12.82
C THR A 353 37.66 2.33 14.07
N GLY A 354 38.42 1.78 15.02
CA GLY A 354 38.84 2.59 16.14
C GLY A 354 39.66 3.80 15.72
N ALA A 355 40.56 3.60 14.76
CA ALA A 355 41.33 4.72 14.23
C ALA A 355 40.42 5.74 13.56
N ILE A 356 39.44 5.28 12.79
CA ILE A 356 38.46 6.20 12.21
C ILE A 356 37.81 7.02 13.31
N MET A 357 37.48 6.37 14.43
CA MET A 357 36.92 7.08 15.57
C MET A 357 37.90 8.13 16.09
N HIS A 358 39.19 7.80 16.12
CA HIS A 358 40.18 8.69 16.72
C HIS A 358 40.37 9.99 15.93
N PHE A 359 39.85 10.07 14.70
CA PHE A 359 40.06 11.25 13.87
C PHE A 359 39.23 12.44 14.32
N GLY A 360 38.54 12.33 15.44
CA GLY A 360 37.74 13.43 15.93
C GLY A 360 38.35 14.14 17.11
N ASN A 361 39.68 14.35 17.08
CA ASN A 361 40.36 14.94 18.22
C ASN A 361 41.39 16.00 17.87
N MET A 362 41.82 16.13 16.61
CA MET A 362 42.84 17.12 16.30
C MET A 362 42.31 18.54 16.44
N LYS A 363 43.22 19.49 16.61
CA LYS A 363 42.81 20.89 16.75
C LYS A 363 43.23 21.73 15.56
N PHE A 364 44.51 21.70 15.22
CA PHE A 364 45.02 22.48 14.08
C PHE A 364 44.72 23.98 14.20
N LYS A 365 45.33 24.65 15.16
CA LYS A 365 45.14 26.09 15.32
C LYS A 365 45.76 26.85 14.15
N LEU A 366 45.16 27.97 13.78
CA LEU A 366 45.72 28.79 12.71
C LEU A 366 47.07 29.37 13.11
N LYS A 367 47.91 29.65 12.13
CA LYS A 367 49.23 30.20 12.41
C LYS A 367 49.16 31.70 12.63
N GLN A 368 50.17 32.25 13.30
CA GLN A 368 50.19 33.69 13.55
C GLN A 368 50.58 34.45 12.29
N ARG A 369 50.02 35.64 12.12
CA ARG A 369 50.32 36.48 10.94
C ARG A 369 50.22 35.69 9.64
N GLU A 370 49.34 34.71 9.59
CA GLU A 370 49.16 33.92 8.37
C GLU A 370 47.87 33.11 8.43
N GLU A 371 47.31 32.76 7.28
CA GLU A 371 46.08 32.00 7.24
C GLU A 371 46.33 30.51 7.33
N GLN A 372 47.61 30.12 7.36
CA GLN A 372 47.95 28.71 7.43
C GLN A 372 47.55 28.12 8.78
N ALA A 373 47.38 26.81 8.84
CA ALA A 373 46.98 26.15 10.07
C ALA A 373 48.09 25.29 10.66
N GLU A 374 48.14 25.20 11.98
CA GLU A 374 49.16 24.39 12.65
C GLU A 374 48.55 23.60 13.80
N PRO A 375 48.81 22.29 13.85
CA PRO A 375 48.19 21.45 14.89
C PRO A 375 48.67 21.76 16.31
N ASP A 376 47.92 21.33 17.32
CA ASP A 376 48.27 21.60 18.70
C ASP A 376 48.30 20.31 19.53
N GLY A 377 47.20 19.56 19.54
CA GLY A 377 47.15 18.30 20.26
C GLY A 377 47.64 17.15 19.41
N THR A 378 48.96 17.09 19.20
CA THR A 378 49.56 16.06 18.35
C THR A 378 49.88 14.79 19.12
N GLU A 379 48.88 14.26 19.84
CA GLU A 379 48.99 12.97 20.51
C GLU A 379 48.03 11.94 19.95
N GLU A 380 46.80 12.34 19.62
CA GLU A 380 45.90 11.43 18.90
C GLU A 380 46.45 11.09 17.53
N ALA A 381 47.21 12.01 16.94
CA ALA A 381 47.85 11.71 15.65
C ALA A 381 48.81 10.54 15.79
N ASP A 382 49.58 10.51 16.89
CA ASP A 382 50.50 9.39 17.10
C ASP A 382 49.75 8.07 17.25
N LYS A 383 48.66 8.07 18.00
CA LYS A 383 47.88 6.85 18.16
C LYS A 383 47.30 6.39 16.82
N SER A 384 46.77 7.33 16.03
CA SER A 384 46.23 6.97 14.73
C SER A 384 47.31 6.39 13.83
N ALA A 385 48.49 7.02 13.80
CA ALA A 385 49.58 6.50 12.99
C ALA A 385 49.98 5.10 13.44
N TYR A 386 50.06 4.87 14.75
CA TYR A 386 50.39 3.54 15.24
C TYR A 386 49.32 2.54 14.82
N LEU A 387 48.05 2.95 14.85
CA LEU A 387 46.98 2.08 14.38
C LEU A 387 47.18 1.72 12.92
N MET A 388 47.52 2.69 12.08
CA MET A 388 47.79 2.44 10.68
C MET A 388 49.28 2.25 10.39
N GLY A 389 50.13 2.27 11.42
CA GLY A 389 51.54 2.03 11.23
C GLY A 389 52.26 3.06 10.39
N LEU A 390 51.63 4.21 10.14
CA LEU A 390 52.24 5.27 9.36
C LEU A 390 53.06 6.17 10.29
N ASN A 391 53.54 7.29 9.78
CA ASN A 391 54.29 8.27 10.57
C ASN A 391 53.39 9.47 10.83
N SER A 392 53.25 9.83 12.11
CA SER A 392 52.42 10.98 12.47
C SER A 392 52.96 12.26 11.84
N ALA A 393 54.28 12.42 11.84
CA ALA A 393 54.86 13.62 11.24
C ALA A 393 54.50 13.73 9.77
N ASP A 394 54.58 12.61 9.04
CA ASP A 394 54.21 12.63 7.62
C ASP A 394 52.75 12.99 7.44
N LEU A 395 51.87 12.43 8.28
CA LEU A 395 50.45 12.75 8.17
C LEU A 395 50.21 14.23 8.40
N LEU A 396 50.83 14.80 9.43
CA LEU A 396 50.65 16.22 9.71
C LEU A 396 51.19 17.07 8.57
N LYS A 397 52.37 16.71 8.04
CA LYS A 397 52.94 17.47 6.94
C LYS A 397 52.03 17.44 5.72
N GLY A 398 51.50 16.26 5.39
CA GLY A 398 50.60 16.18 4.25
C GLY A 398 49.32 16.97 4.46
N LEU A 399 48.72 16.83 5.64
CA LEU A 399 47.46 17.54 5.90
C LEU A 399 47.66 19.04 5.85
N CYS A 400 48.71 19.54 6.51
CA CYS A 400 48.93 20.98 6.57
C CYS A 400 49.28 21.54 5.20
N HIS A 401 50.08 20.83 4.41
CA HIS A 401 50.58 21.31 3.12
C HIS A 401 50.34 20.23 2.07
N PRO A 402 49.09 20.06 1.63
CA PRO A 402 48.82 19.08 0.57
C PRO A 402 49.58 19.41 -0.72
N ARG A 403 50.05 18.35 -1.38
CA ARG A 403 50.83 18.46 -2.59
C ARG A 403 50.03 17.90 -3.76
N VAL A 404 50.13 18.54 -4.92
CA VAL A 404 49.41 18.13 -6.12
C VAL A 404 50.35 18.24 -7.31
N LYS A 405 50.16 17.34 -8.28
CA LYS A 405 50.97 17.30 -9.48
C LYS A 405 50.21 17.99 -10.61
N VAL A 406 50.86 18.99 -11.22
CA VAL A 406 50.29 19.74 -12.34
C VAL A 406 51.35 19.80 -13.44
N GLY A 407 50.90 19.71 -14.68
CA GLY A 407 51.85 19.69 -15.79
C GLY A 407 52.79 18.51 -15.68
N ASN A 408 54.04 18.80 -15.33
CA ASN A 408 55.02 17.75 -15.06
C ASN A 408 55.75 17.99 -13.73
N GLU A 409 55.20 18.79 -12.84
CA GLU A 409 55.85 19.14 -11.58
C GLU A 409 54.86 18.98 -10.43
N TYR A 410 55.37 19.17 -9.22
CA TYR A 410 54.57 19.07 -8.00
C TYR A 410 54.62 20.40 -7.25
N VAL A 411 53.47 20.82 -6.74
CA VAL A 411 53.36 22.06 -5.98
C VAL A 411 52.58 21.77 -4.69
N THR A 412 53.05 22.37 -3.60
CA THR A 412 52.45 22.19 -2.29
C THR A 412 51.77 23.48 -1.88
N LYS A 413 50.51 23.37 -1.44
CA LYS A 413 49.75 24.53 -0.97
C LYS A 413 49.03 24.17 0.32
N GLY A 414 48.98 25.15 1.24
CA GLY A 414 48.34 24.92 2.52
C GLY A 414 46.86 25.20 2.50
N GLN A 415 46.20 24.81 3.59
CA GLN A 415 44.77 24.98 3.75
C GLN A 415 44.46 25.44 5.16
N ASN A 416 43.37 26.19 5.31
CA ASN A 416 42.98 26.72 6.61
C ASN A 416 42.34 25.60 7.43
N VAL A 417 41.91 25.93 8.66
CA VAL A 417 41.41 24.91 9.57
C VAL A 417 40.13 24.28 9.03
N GLN A 418 39.21 25.09 8.51
CA GLN A 418 37.97 24.54 8.01
C GLN A 418 38.22 23.61 6.82
N GLN A 419 39.13 24.00 5.93
CA GLN A 419 39.42 23.17 4.77
C GLN A 419 39.99 21.82 5.19
N VAL A 420 40.93 21.81 6.13
CA VAL A 420 41.52 20.55 6.56
C VAL A 420 40.50 19.72 7.33
N ILE A 421 39.61 20.36 8.07
CA ILE A 421 38.56 19.63 8.78
C ILE A 421 37.66 18.92 7.78
N TYR A 422 37.22 19.64 6.74
CA TYR A 422 36.42 19.02 5.69
C TYR A 422 37.19 17.89 5.02
N ALA A 423 38.48 18.10 4.77
CA ALA A 423 39.28 17.09 4.11
C ALA A 423 39.35 15.81 4.93
N THR A 424 39.60 15.94 6.24
CA THR A 424 39.70 14.76 7.08
C THR A 424 38.34 14.07 7.22
N GLY A 425 37.26 14.84 7.32
CA GLY A 425 35.95 14.22 7.34
C GLY A 425 35.66 13.44 6.08
N ALA A 426 35.96 14.03 4.93
CA ALA A 426 35.77 13.33 3.66
C ALA A 426 36.64 12.09 3.58
N LEU A 427 37.88 12.17 4.06
CA LEU A 427 38.75 11.00 4.07
C LEU A 427 38.17 9.88 4.92
N ALA A 428 37.65 10.23 6.11
CA ALA A 428 37.05 9.21 6.96
C ALA A 428 35.83 8.58 6.28
N LYS A 429 34.98 9.41 5.67
CA LYS A 429 33.81 8.88 4.99
C LYS A 429 34.22 7.95 3.85
N ALA A 430 35.20 8.37 3.06
CA ALA A 430 35.65 7.56 1.92
C ALA A 430 36.24 6.24 2.38
N VAL A 431 37.06 6.27 3.43
CA VAL A 431 37.69 5.04 3.89
C VAL A 431 36.64 4.10 4.47
N TYR A 432 35.64 4.65 5.16
CA TYR A 432 34.57 3.79 5.67
C TYR A 432 33.78 3.17 4.52
N GLU A 433 33.50 3.94 3.48
CA GLU A 433 32.79 3.39 2.32
C GLU A 433 33.60 2.29 1.66
N ARG A 434 34.90 2.52 1.48
CA ARG A 434 35.76 1.50 0.89
C ARG A 434 35.79 0.25 1.77
N MET A 435 35.84 0.44 3.08
CA MET A 435 35.83 -0.69 4.00
C MET A 435 34.55 -1.51 3.84
N PHE A 436 33.41 -0.84 3.80
CA PHE A 436 32.14 -1.54 3.63
C PHE A 436 32.12 -2.29 2.31
N ASN A 437 32.57 -1.65 1.24
CA ASN A 437 32.65 -2.32 -0.05
C ASN A 437 33.56 -3.54 0.03
N TRP A 438 34.64 -3.46 0.80
CA TRP A 438 35.55 -4.58 0.92
C TRP A 438 34.89 -5.75 1.64
N MET A 439 34.17 -5.49 2.73
CA MET A 439 33.45 -6.59 3.37
C MET A 439 32.41 -7.17 2.41
N VAL A 440 31.74 -6.32 1.64
CA VAL A 440 30.74 -6.81 0.69
C VAL A 440 31.40 -7.74 -0.32
N THR A 441 32.55 -7.33 -0.85
CA THR A 441 33.25 -8.17 -1.82
C THR A 441 33.68 -9.48 -1.20
N ARG A 442 34.20 -9.44 0.03
CA ARG A 442 34.67 -10.66 0.68
C ARG A 442 33.52 -11.63 0.89
N ILE A 443 32.40 -11.13 1.43
CA ILE A 443 31.26 -12.00 1.70
C ILE A 443 30.69 -12.55 0.40
N ASN A 444 30.64 -11.72 -0.65
CA ASN A 444 30.16 -12.19 -1.94
C ASN A 444 31.05 -13.32 -2.45
N ALA A 445 32.37 -13.12 -2.40
CA ALA A 445 33.28 -14.16 -2.87
C ALA A 445 33.08 -15.45 -2.08
N THR A 446 32.90 -15.33 -0.76
CA THR A 446 32.64 -16.52 0.05
C THR A 446 31.26 -17.12 -0.23
N LEU A 447 30.37 -16.37 -0.87
CA LEU A 447 28.98 -16.82 -1.00
C LEU A 447 28.82 -17.84 -2.12
N GLU A 448 29.11 -17.44 -3.36
CA GLU A 448 28.73 -18.27 -4.49
C GLU A 448 29.60 -19.53 -4.57
N THR A 449 29.17 -20.45 -5.42
CA THR A 449 29.84 -21.72 -5.67
C THR A 449 30.27 -21.79 -7.13
N LYS A 450 30.75 -22.96 -7.55
CA LYS A 450 31.30 -23.14 -8.88
C LYS A 450 30.24 -23.41 -9.94
N GLN A 451 28.98 -23.54 -9.56
CA GLN A 451 27.96 -23.89 -10.53
C GLN A 451 27.79 -22.76 -11.56
N PRO A 452 27.46 -23.08 -12.81
CA PRO A 452 27.21 -22.02 -13.79
C PRO A 452 26.05 -21.12 -13.37
N ARG A 453 26.15 -19.84 -13.72
CA ARG A 453 25.19 -18.83 -13.31
C ARG A 453 24.48 -18.27 -14.53
N GLN A 454 23.16 -18.16 -14.45
CA GLN A 454 22.37 -17.60 -15.54
C GLN A 454 21.02 -17.15 -15.01
N TYR A 455 20.48 -16.10 -15.63
CA TYR A 455 19.12 -15.63 -15.37
C TYR A 455 18.91 -15.36 -13.87
N PHE A 456 19.66 -14.37 -13.39
CA PHE A 456 19.53 -13.97 -12.00
C PHE A 456 18.15 -13.38 -11.74
N ILE A 457 17.70 -13.50 -10.48
CA ILE A 457 16.47 -12.88 -10.02
C ILE A 457 16.80 -11.91 -8.91
N GLY A 458 16.31 -10.68 -9.03
CA GLY A 458 16.70 -9.61 -8.12
C GLY A 458 15.76 -9.46 -6.95
N VAL A 459 16.33 -9.15 -5.79
CA VAL A 459 15.58 -8.83 -4.57
C VAL A 459 16.20 -7.57 -3.99
N LEU A 460 15.39 -6.54 -3.79
CA LEU A 460 15.88 -5.24 -3.35
C LEU A 460 15.26 -4.86 -2.03
N ASP A 461 16.10 -4.37 -1.11
CA ASP A 461 15.66 -3.91 0.20
C ASP A 461 16.16 -2.48 0.38
N ILE A 462 15.23 -1.56 0.62
CA ILE A 462 15.57 -0.15 0.74
C ILE A 462 14.56 0.52 1.66
N ALA A 463 15.00 1.60 2.31
CA ALA A 463 14.12 2.34 3.20
C ALA A 463 13.01 3.02 2.42
N GLY A 464 11.84 3.12 3.05
CA GLY A 464 10.69 3.74 2.44
C GLY A 464 10.77 5.25 2.46
N PHE A 465 9.71 5.87 1.94
CA PHE A 465 9.62 7.34 1.86
C PHE A 465 9.33 7.87 3.26
N GLU A 466 10.36 7.90 4.09
CA GLU A 466 10.21 8.39 5.45
C GLU A 466 9.85 9.87 5.45
N ILE A 467 9.03 10.25 6.44
CA ILE A 467 8.65 11.64 6.65
C ILE A 467 8.80 11.96 8.14
N PHE A 468 9.49 13.05 8.43
CA PHE A 468 9.67 13.54 9.78
C PHE A 468 9.24 15.00 9.87
N ASP A 469 9.29 15.56 11.07
CA ASP A 469 8.99 16.96 11.30
C ASP A 469 10.22 17.84 11.18
N PHE A 470 11.40 17.27 10.98
CA PHE A 470 12.66 17.99 10.89
C PHE A 470 13.46 17.49 9.69
N ASN A 471 12.80 17.40 8.54
CA ASN A 471 13.45 16.88 7.34
C ASN A 471 14.70 17.68 7.03
N SER A 472 15.74 16.98 6.58
CA SER A 472 17.05 17.57 6.36
C SER A 472 17.65 16.95 5.09
N PHE A 473 18.94 17.15 4.90
CA PHE A 473 19.59 16.76 3.64
C PHE A 473 19.47 15.26 3.40
N GLU A 474 19.76 14.45 4.42
CA GLU A 474 19.65 13.00 4.25
C GLU A 474 18.22 12.60 3.91
N GLN A 475 17.25 13.23 4.59
CA GLN A 475 15.85 12.96 4.28
C GLN A 475 15.52 13.39 2.86
N LEU A 476 16.12 14.49 2.40
CA LEU A 476 15.91 14.91 1.02
C LEU A 476 16.44 13.87 0.05
N CYS A 477 17.63 13.31 0.32
CA CYS A 477 18.19 12.30 -0.57
C CYS A 477 17.30 11.05 -0.59
N ILE A 478 16.84 10.61 0.58
CA ILE A 478 15.97 9.44 0.63
C ILE A 478 14.69 9.70 -0.15
N ASN A 479 14.11 10.88 0.02
CA ASN A 479 12.89 11.22 -0.70
C ASN A 479 13.13 11.25 -2.20
N PHE A 480 14.27 11.76 -2.62
CA PHE A 480 14.59 11.79 -4.05
C PHE A 480 14.71 10.37 -4.61
N THR A 481 15.38 9.49 -3.88
CA THR A 481 15.50 8.10 -4.33
C THR A 481 14.12 7.45 -4.43
N ASN A 482 13.28 7.65 -3.42
CA ASN A 482 11.94 7.09 -3.47
C ASN A 482 11.14 7.70 -4.62
N GLU A 483 11.37 8.98 -4.92
CA GLU A 483 10.70 9.62 -6.04
C GLU A 483 11.08 8.94 -7.34
N LYS A 484 12.36 8.66 -7.53
CA LYS A 484 12.80 7.98 -8.75
C LYS A 484 12.18 6.58 -8.83
N LEU A 485 12.14 5.87 -7.71
CA LEU A 485 11.54 4.54 -7.71
C LEU A 485 10.06 4.61 -8.08
N GLN A 486 9.34 5.58 -7.53
CA GLN A 486 7.93 5.73 -7.85
C GLN A 486 7.74 6.08 -9.33
N GLN A 487 8.63 6.91 -9.87
CA GLN A 487 8.55 7.22 -11.30
C GLN A 487 8.72 5.97 -12.14
N PHE A 488 9.69 5.12 -11.77
CA PHE A 488 9.88 3.87 -12.50
C PHE A 488 8.63 2.99 -12.41
N PHE A 489 8.05 2.89 -11.21
CA PHE A 489 6.81 2.12 -11.06
C PHE A 489 5.71 2.67 -11.94
N ASN A 490 5.54 3.99 -11.97
CA ASN A 490 4.49 4.59 -12.77
C ASN A 490 4.70 4.30 -14.25
N HIS A 491 5.94 4.40 -14.73
CA HIS A 491 6.21 4.11 -16.13
C HIS A 491 5.91 2.65 -16.45
N HIS A 492 6.30 1.73 -15.55
CA HIS A 492 6.01 0.33 -15.78
C HIS A 492 4.50 0.08 -15.81
N MET A 493 3.76 0.72 -14.92
CA MET A 493 2.30 0.60 -14.93
C MET A 493 1.73 1.10 -16.25
N PHE A 494 2.23 2.23 -16.74
CA PHE A 494 1.73 2.75 -18.01
C PHE A 494 2.00 1.77 -19.15
N VAL A 495 3.22 1.21 -19.18
CA VAL A 495 3.56 0.28 -20.25
C VAL A 495 2.65 -0.95 -20.20
N LEU A 496 2.44 -1.49 -19.00
CA LEU A 496 1.60 -2.67 -18.87
C LEU A 496 0.16 -2.36 -19.28
N GLU A 497 -0.36 -1.20 -18.88
CA GLU A 497 -1.72 -0.84 -19.25
C GLU A 497 -1.84 -0.66 -20.75
N GLN A 498 -0.85 -0.06 -21.39
CA GLN A 498 -0.88 0.09 -22.85
C GLN A 498 -0.86 -1.27 -23.51
N GLU A 499 -0.03 -2.19 -23.02
CA GLU A 499 -0.01 -3.54 -23.58
C GLU A 499 -1.38 -4.20 -23.46
N GLU A 500 -2.00 -4.10 -22.29
CA GLU A 500 -3.30 -4.72 -22.10
C GLU A 500 -4.35 -4.10 -23.02
N TYR A 501 -4.37 -2.77 -23.12
CA TYR A 501 -5.38 -2.11 -23.95
C TYR A 501 -5.19 -2.46 -25.42
N LYS A 502 -3.96 -2.44 -25.92
CA LYS A 502 -3.74 -2.83 -27.30
C LYS A 502 -4.11 -4.30 -27.52
N LYS A 503 -3.92 -5.14 -26.50
CA LYS A 503 -4.35 -6.52 -26.61
C LYS A 503 -5.86 -6.61 -26.77
N GLU A 504 -6.60 -5.66 -26.21
CA GLU A 504 -8.06 -5.66 -26.25
C GLU A 504 -8.62 -4.84 -27.40
N GLY A 505 -7.77 -4.31 -28.28
CA GLY A 505 -8.25 -3.51 -29.38
C GLY A 505 -8.72 -2.13 -28.98
N ILE A 506 -8.28 -1.64 -27.83
CA ILE A 506 -8.66 -0.32 -27.32
C ILE A 506 -7.38 0.51 -27.20
N GLU A 507 -7.41 1.72 -27.74
CA GLU A 507 -6.27 2.65 -27.65
C GLU A 507 -6.81 4.07 -27.68
N TRP A 508 -6.97 4.67 -26.50
CA TRP A 508 -7.37 6.06 -26.38
C TRP A 508 -6.83 6.62 -25.09
N THR A 509 -6.56 7.93 -25.09
CA THR A 509 -6.02 8.61 -23.90
C THR A 509 -4.75 7.90 -23.43
N PHE A 510 -3.96 7.43 -24.38
CA PHE A 510 -2.75 6.67 -24.07
C PHE A 510 -1.57 7.59 -23.76
N ILE A 511 -1.79 8.55 -22.86
CA ILE A 511 -0.73 9.48 -22.48
C ILE A 511 0.12 8.85 -21.39
N ASP A 512 1.43 8.84 -21.60
CA ASP A 512 2.35 8.30 -20.60
C ASP A 512 2.28 9.13 -19.32
N PHE A 513 2.56 8.48 -18.20
CA PHE A 513 2.51 9.13 -16.90
C PHE A 513 3.86 9.66 -16.44
N GLY A 514 4.92 9.50 -17.24
CA GLY A 514 6.23 9.89 -16.79
C GLY A 514 6.34 11.38 -16.51
N MET A 515 5.87 12.20 -17.46
CA MET A 515 5.97 13.64 -17.28
C MET A 515 5.08 14.15 -16.16
N ASP A 516 4.07 13.37 -15.75
CA ASP A 516 3.24 13.79 -14.64
C ASP A 516 4.06 13.94 -13.37
N LEU A 517 4.99 13.01 -13.13
CA LEU A 517 5.86 13.06 -11.97
C LEU A 517 7.24 13.65 -12.30
N GLN A 518 7.53 13.89 -13.58
CA GLN A 518 8.85 14.34 -13.98
C GLN A 518 9.17 15.76 -13.51
N ALA A 519 8.16 16.53 -13.10
CA ALA A 519 8.42 17.91 -12.70
C ALA A 519 9.37 17.97 -11.50
N CYS A 520 9.09 17.16 -10.47
CA CYS A 520 9.96 17.16 -9.31
C CYS A 520 11.36 16.66 -9.66
N ILE A 521 11.45 15.64 -10.50
CA ILE A 521 12.76 15.11 -10.89
C ILE A 521 13.56 16.20 -11.60
N ASP A 522 12.91 16.92 -12.51
CA ASP A 522 13.59 18.00 -13.21
C ASP A 522 14.03 19.09 -12.25
N LEU A 523 13.16 19.46 -11.30
CA LEU A 523 13.55 20.49 -10.34
C LEU A 523 14.68 20.01 -9.43
N ILE A 524 14.86 18.70 -9.28
CA ILE A 524 15.89 18.18 -8.40
C ILE A 524 17.22 18.07 -9.12
N GLU A 525 17.27 17.28 -10.19
CA GLU A 525 18.54 16.88 -10.79
C GLU A 525 19.01 17.79 -11.90
N LYS A 526 18.09 18.35 -12.70
CA LYS A 526 18.49 19.03 -13.91
C LYS A 526 19.33 20.27 -13.59
N PRO A 527 20.14 20.73 -14.55
CA PRO A 527 20.96 21.92 -14.30
C PRO A 527 20.09 23.11 -13.94
N MET A 528 20.61 23.94 -13.04
CA MET A 528 19.88 25.03 -12.41
C MET A 528 18.72 24.52 -11.56
N GLY A 529 18.67 23.21 -11.29
CA GLY A 529 17.72 22.66 -10.36
C GLY A 529 18.24 22.73 -8.93
N ILE A 530 17.44 22.17 -8.02
CA ILE A 530 17.77 22.27 -6.60
C ILE A 530 19.14 21.67 -6.33
N MET A 531 19.35 20.44 -6.80
CA MET A 531 20.65 19.79 -6.56
C MET A 531 21.76 20.52 -7.31
N SER A 532 21.51 20.90 -8.55
CA SER A 532 22.52 21.63 -9.32
C SER A 532 22.84 22.97 -8.67
N ILE A 533 21.82 23.67 -8.20
CA ILE A 533 22.05 24.95 -7.53
C ILE A 533 22.88 24.75 -6.27
N LEU A 534 22.55 23.72 -5.48
CA LEU A 534 23.33 23.46 -4.28
C LEU A 534 24.78 23.15 -4.63
N GLU A 535 25.00 22.34 -5.67
CA GLU A 535 26.36 21.98 -6.06
C GLU A 535 27.14 23.22 -6.48
N GLU A 536 26.53 24.06 -7.32
CA GLU A 536 27.25 25.20 -7.88
C GLU A 536 27.43 26.33 -6.88
N GLU A 537 26.54 26.43 -5.88
CA GLU A 537 26.62 27.56 -4.95
C GLU A 537 27.84 27.44 -4.04
N CYS A 538 28.05 26.26 -3.45
CA CYS A 538 29.12 26.12 -2.48
C CYS A 538 30.49 26.32 -3.10
N MET A 539 30.61 26.20 -4.43
CA MET A 539 31.88 26.50 -5.08
C MET A 539 32.26 27.96 -4.89
N PHE A 540 31.27 28.85 -4.78
CA PHE A 540 31.56 30.26 -4.65
C PHE A 540 32.30 30.51 -3.32
N PRO A 541 33.31 31.38 -3.32
CA PRO A 541 34.13 31.52 -2.10
C PRO A 541 33.34 31.87 -0.86
N LYS A 542 32.34 32.74 -0.96
CA LYS A 542 31.55 33.20 0.19
C LYS A 542 30.11 32.74 0.00
N ALA A 543 29.72 31.70 0.73
CA ALA A 543 28.38 31.13 0.64
C ALA A 543 27.76 31.05 2.02
N THR A 544 26.47 31.39 2.10
CA THR A 544 25.73 31.33 3.35
C THR A 544 24.34 30.76 3.08
N ASP A 545 23.74 30.20 4.14
CA ASP A 545 22.47 29.52 3.99
C ASP A 545 21.37 30.48 3.54
N MET A 546 21.33 31.69 4.12
CA MET A 546 20.26 32.62 3.79
C MET A 546 20.30 33.00 2.31
N THR A 547 21.48 33.31 1.79
CA THR A 547 21.57 33.69 0.39
C THR A 547 21.36 32.48 -0.52
N PHE A 548 21.69 31.28 -0.03
CA PHE A 548 21.35 30.07 -0.78
C PHE A 548 19.84 29.95 -0.94
N LYS A 549 19.10 30.15 0.15
CA LYS A 549 17.64 30.18 0.06
C LYS A 549 17.19 31.32 -0.86
N ALA A 550 17.93 32.42 -0.87
CA ALA A 550 17.57 33.53 -1.75
C ALA A 550 17.65 33.11 -3.21
N LYS A 551 18.75 32.45 -3.60
CA LYS A 551 18.83 31.96 -4.98
C LYS A 551 17.72 30.95 -5.25
N LEU A 552 17.46 30.06 -4.29
CA LEU A 552 16.40 29.06 -4.49
C LEU A 552 15.08 29.73 -4.80
N PHE A 553 14.70 30.72 -3.99
CA PHE A 553 13.44 31.42 -4.24
C PHE A 553 13.46 32.15 -5.57
N ASP A 554 14.57 32.83 -5.88
CA ASP A 554 14.63 33.59 -7.13
C ASP A 554 14.46 32.68 -8.33
N ASN A 555 15.03 31.47 -8.27
CA ASN A 555 15.03 30.58 -9.41
C ASN A 555 13.81 29.68 -9.48
N HIS A 556 13.08 29.50 -8.38
CA HIS A 556 12.00 28.52 -8.37
C HIS A 556 10.67 29.12 -7.91
N LEU A 557 10.70 30.07 -6.97
CA LEU A 557 9.47 30.64 -6.46
C LEU A 557 8.68 31.29 -7.59
N GLY A 558 7.55 30.71 -7.94
CA GLY A 558 6.74 31.15 -9.06
C GLY A 558 7.22 30.62 -10.40
N LYS A 559 8.54 30.45 -10.55
CA LYS A 559 9.08 29.93 -11.80
C LYS A 559 8.71 28.47 -11.98
N SER A 560 8.70 27.70 -10.90
CA SER A 560 8.41 26.27 -10.94
C SER A 560 7.16 25.98 -10.14
N ALA A 561 6.27 25.16 -10.72
CA ALA A 561 4.99 24.88 -10.08
C ALA A 561 5.17 24.10 -8.78
N ASN A 562 6.00 23.06 -8.80
CA ASN A 562 6.15 22.23 -7.61
C ASN A 562 6.68 23.03 -6.43
N PHE A 563 7.68 23.87 -6.66
CA PHE A 563 8.23 24.70 -5.60
C PHE A 563 7.21 25.75 -5.18
N GLN A 564 7.13 26.02 -3.88
CA GLN A 564 6.20 27.00 -3.36
C GLN A 564 6.62 27.37 -1.94
N LYS A 565 5.95 28.38 -1.39
CA LYS A 565 6.28 28.87 -0.07
C LYS A 565 6.06 27.77 0.97
N PRO A 566 6.89 27.69 2.00
CA PRO A 566 6.66 26.68 3.05
C PRO A 566 5.43 26.97 3.88
N ARG A 567 5.13 26.08 4.83
CA ARG A 567 3.97 26.23 5.69
C ARG A 567 4.39 25.96 7.13
N ASN A 568 3.86 26.75 8.06
CA ASN A 568 4.10 26.58 9.49
C ASN A 568 2.80 26.16 10.15
N ILE A 569 2.82 25.02 10.82
CA ILE A 569 1.62 24.45 11.44
C ILE A 569 1.98 24.01 12.86
N LYS A 570 1.03 24.17 13.78
CA LYS A 570 1.15 23.68 15.16
C LYS A 570 2.54 23.94 15.74
N GLY A 571 3.16 25.05 15.37
CA GLY A 571 4.44 25.41 15.93
C GLY A 571 5.52 24.39 15.65
N LYS A 572 5.63 23.96 14.40
CA LYS A 572 6.68 23.02 14.03
C LYS A 572 8.04 23.67 14.22
N PRO A 573 9.10 22.87 14.42
CA PRO A 573 10.41 23.46 14.73
C PRO A 573 10.82 24.56 13.76
N GLU A 574 10.78 24.30 12.47
CA GLU A 574 11.13 25.34 11.50
C GLU A 574 10.58 24.96 10.14
N ALA A 575 10.52 25.96 9.26
CA ALA A 575 10.01 25.78 7.91
C ALA A 575 10.76 26.72 6.98
N HIS A 576 11.47 26.17 6.00
CA HIS A 576 12.26 26.96 5.08
C HIS A 576 11.76 26.91 3.65
N PHE A 577 11.38 25.74 3.15
CA PHE A 577 10.78 25.64 1.83
C PHE A 577 10.13 24.28 1.69
N SER A 578 9.03 24.24 0.93
CA SER A 578 8.22 23.05 0.77
C SER A 578 8.05 22.71 -0.69
N LEU A 579 7.85 21.42 -0.96
CA LEU A 579 7.60 20.91 -2.29
C LEU A 579 6.38 20.01 -2.24
N ILE A 580 5.79 19.75 -3.40
CA ILE A 580 4.67 18.83 -3.53
C ILE A 580 5.19 17.56 -4.16
N HIS A 581 5.32 16.51 -3.35
CA HIS A 581 5.84 15.23 -3.81
C HIS A 581 4.67 14.32 -4.20
N TYR A 582 4.99 13.08 -4.60
CA TYR A 582 3.94 12.11 -4.86
C TYR A 582 3.18 11.74 -3.59
N ALA A 583 3.84 11.82 -2.44
CA ALA A 583 3.24 11.46 -1.16
C ALA A 583 2.61 12.65 -0.45
N GLY A 584 2.68 13.85 -1.02
CA GLY A 584 2.08 15.04 -0.46
C GLY A 584 3.09 16.14 -0.30
N ILE A 585 2.68 17.19 0.41
CA ILE A 585 3.54 18.34 0.63
C ILE A 585 4.57 18.00 1.70
N VAL A 586 5.85 18.24 1.40
CA VAL A 586 6.95 17.98 2.31
C VAL A 586 7.74 19.27 2.49
N ASP A 587 8.03 19.62 3.74
CA ASP A 587 8.76 20.83 4.08
C ASP A 587 10.13 20.46 4.61
N TYR A 588 11.18 21.08 4.07
CA TYR A 588 12.55 20.77 4.44
C TYR A 588 13.17 21.95 5.20
N ASN A 589 14.40 21.74 5.65
CA ASN A 589 15.17 22.74 6.37
C ASN A 589 16.51 22.95 5.67
N ILE A 590 17.11 24.12 5.91
CA ILE A 590 18.32 24.52 5.22
C ILE A 590 19.55 24.52 6.13
N ILE A 591 19.38 24.64 7.44
CA ILE A 591 20.52 24.83 8.33
C ILE A 591 21.41 23.61 8.30
N GLY A 592 22.71 23.84 8.10
CA GLY A 592 23.71 22.80 8.18
C GLY A 592 23.98 22.06 6.89
N TRP A 593 23.20 22.31 5.84
CA TRP A 593 23.38 21.56 4.59
C TRP A 593 24.72 21.84 3.95
N LEU A 594 25.12 23.11 3.89
CA LEU A 594 26.37 23.47 3.24
C LEU A 594 27.56 22.84 3.95
N GLN A 595 27.55 22.85 5.28
CA GLN A 595 28.68 22.32 6.03
C GLN A 595 28.94 20.86 5.71
N LYS A 596 27.89 20.05 5.67
CA LYS A 596 28.04 18.61 5.52
C LYS A 596 27.90 18.13 4.07
N ASN A 597 27.61 19.03 3.12
CA ASN A 597 27.49 18.61 1.73
C ASN A 597 28.85 18.39 1.07
N LYS A 598 29.89 19.09 1.52
CA LYS A 598 31.18 19.03 0.85
C LYS A 598 31.92 17.73 1.19
N ASP A 599 32.60 17.19 0.19
CA ASP A 599 33.41 15.98 0.34
C ASP A 599 34.75 16.16 -0.36
N PRO A 600 35.66 16.95 0.23
CA PRO A 600 36.98 17.17 -0.37
C PRO A 600 37.93 16.02 -0.03
N LEU A 601 38.38 15.30 -1.06
CA LEU A 601 39.24 14.13 -0.89
C LEU A 601 40.68 14.56 -1.14
N ASN A 602 41.53 14.37 -0.13
CA ASN A 602 42.94 14.77 -0.24
C ASN A 602 43.73 13.66 -0.93
N GLU A 603 44.23 13.93 -2.14
CA GLU A 603 44.91 12.90 -2.90
C GLU A 603 46.22 12.48 -2.26
N THR A 604 46.97 13.44 -1.71
CA THR A 604 48.27 13.11 -1.13
C THR A 604 48.11 12.17 0.06
N VAL A 605 47.07 12.37 0.87
CA VAL A 605 46.85 11.48 2.01
C VAL A 605 46.47 10.10 1.51
N VAL A 606 45.70 10.02 0.43
CA VAL A 606 45.38 8.72 -0.16
C VAL A 606 46.66 8.02 -0.59
N GLY A 607 47.57 8.75 -1.24
CA GLY A 607 48.85 8.16 -1.61
C GLY A 607 49.63 7.69 -0.40
N LEU A 608 49.58 8.47 0.69
CA LEU A 608 50.25 8.04 1.92
C LEU A 608 49.67 6.72 2.41
N TYR A 609 48.35 6.57 2.36
CA TYR A 609 47.77 5.26 2.67
C TYR A 609 48.28 4.18 1.72
N GLN A 610 48.43 4.52 0.44
CA GLN A 610 48.92 3.53 -0.51
C GLN A 610 50.29 2.99 -0.10
N LYS A 611 51.08 3.80 0.61
CA LYS A 611 52.38 3.37 1.11
C LYS A 611 52.31 2.80 2.53
N SER A 612 51.12 2.74 3.12
CA SER A 612 50.99 2.26 4.49
C SER A 612 51.29 0.76 4.57
N SER A 613 51.61 0.32 5.78
CA SER A 613 51.92 -1.08 6.05
C SER A 613 50.76 -1.66 6.85
N LEU A 614 49.74 -2.11 6.14
CA LEU A 614 48.54 -2.69 6.73
C LEU A 614 47.68 -3.23 5.59
N LYS A 615 46.53 -3.79 5.93
CA LYS A 615 45.57 -4.22 4.91
C LYS A 615 44.88 -3.06 4.22
N LEU A 616 45.19 -1.82 4.60
CA LEU A 616 44.59 -0.66 3.95
C LEU A 616 44.82 -0.69 2.45
N LEU A 617 45.94 -1.28 2.00
CA LEU A 617 46.18 -1.38 0.56
C LEU A 617 45.06 -2.15 -0.11
N SER A 618 44.68 -3.29 0.44
CA SER A 618 43.57 -4.05 -0.11
C SER A 618 42.26 -3.30 0.05
N THR A 619 42.06 -2.64 1.20
CA THR A 619 40.79 -1.98 1.47
C THR A 619 40.53 -0.85 0.46
N LEU A 620 41.50 0.06 0.31
CA LEU A 620 41.33 1.18 -0.60
C LEU A 620 41.49 0.78 -2.05
N THR A 646 31.06 16.75 -3.75
CA THR A 646 29.99 16.69 -2.77
C THR A 646 29.35 15.30 -2.78
N VAL A 647 28.74 14.95 -1.65
CA VAL A 647 28.03 13.68 -1.57
C VAL A 647 26.86 13.67 -2.54
N SER A 648 26.34 14.84 -2.90
CA SER A 648 25.20 14.90 -3.81
C SER A 648 25.54 14.31 -5.17
N ALA A 649 26.71 14.65 -5.71
CA ALA A 649 27.08 14.13 -7.03
C ALA A 649 27.26 12.61 -6.99
N LEU A 650 27.91 12.10 -5.95
CA LEU A 650 28.09 10.65 -5.84
C LEU A 650 26.75 9.95 -5.70
N HIS A 651 25.84 10.52 -4.91
CA HIS A 651 24.50 9.95 -4.79
C HIS A 651 23.80 9.95 -6.14
N ARG A 652 23.92 11.04 -6.90
CA ARG A 652 23.28 11.12 -8.20
C ARG A 652 23.81 10.02 -9.12
N GLU A 653 25.14 9.87 -9.17
CA GLU A 653 25.72 8.87 -10.07
C GLU A 653 25.34 7.46 -9.63
N ASN A 654 25.35 7.19 -8.33
CA ASN A 654 24.98 5.86 -7.86
C ASN A 654 23.52 5.56 -8.17
N LEU A 655 22.63 6.54 -7.98
CA LEU A 655 21.23 6.32 -8.31
C LEU A 655 21.05 6.08 -9.80
N ASN A 656 21.79 6.84 -10.64
CA ASN A 656 21.71 6.61 -12.07
C ASN A 656 22.16 5.20 -12.42
N LYS A 657 23.26 4.74 -11.81
CA LYS A 657 23.76 3.40 -12.08
C LYS A 657 22.74 2.36 -11.67
N LEU A 658 22.15 2.51 -10.49
CA LEU A 658 21.18 1.52 -10.01
C LEU A 658 19.94 1.51 -10.90
N MET A 659 19.45 2.68 -11.30
CA MET A 659 18.27 2.73 -12.16
C MET A 659 18.57 2.10 -13.52
N THR A 660 19.75 2.36 -14.07
CA THR A 660 20.12 1.72 -15.33
C THR A 660 20.18 0.21 -15.17
N ASN A 661 20.75 -0.26 -14.05
CA ASN A 661 20.80 -1.70 -13.81
C ASN A 661 19.40 -2.29 -13.74
N LEU A 662 18.49 -1.63 -13.03
CA LEU A 662 17.15 -2.16 -12.83
C LEU A 662 16.29 -2.06 -14.08
N ARG A 663 16.55 -1.09 -14.96
CA ARG A 663 15.76 -0.94 -16.17
C ARG A 663 15.80 -2.18 -17.05
N SER A 664 16.83 -3.01 -16.92
CA SER A 664 16.99 -4.18 -17.77
C SER A 664 16.25 -5.41 -17.24
N THR A 665 15.61 -5.33 -16.08
CA THR A 665 14.93 -6.46 -15.48
C THR A 665 13.44 -6.13 -15.28
N HIS A 666 12.60 -7.10 -15.57
CA HIS A 666 11.17 -6.91 -15.41
C HIS A 666 10.84 -6.76 -13.93
N PRO A 667 10.11 -5.73 -13.52
CA PRO A 667 9.92 -5.47 -12.09
C PRO A 667 8.67 -6.14 -11.51
N HIS A 668 8.77 -6.42 -10.21
CA HIS A 668 7.63 -6.82 -9.41
C HIS A 668 7.78 -6.14 -8.05
N PHE A 669 6.66 -5.92 -7.36
CA PHE A 669 6.66 -5.07 -6.18
C PHE A 669 5.88 -5.72 -5.03
N VAL A 670 6.38 -5.52 -3.82
CA VAL A 670 5.78 -6.04 -2.61
C VAL A 670 5.75 -4.92 -1.56
N ARG A 671 4.70 -4.91 -0.75
CA ARG A 671 4.53 -3.90 0.28
C ARG A 671 4.19 -4.56 1.61
N CYS A 672 4.86 -4.11 2.67
CA CYS A 672 4.60 -4.57 4.03
C CYS A 672 4.30 -3.36 4.90
N ILE A 673 3.21 -3.43 5.65
CA ILE A 673 2.72 -2.31 6.45
C ILE A 673 2.43 -2.78 7.86
N ILE A 674 2.93 -2.04 8.84
CA ILE A 674 2.61 -2.34 10.25
C ILE A 674 1.18 -1.92 10.53
N PRO A 675 0.39 -2.69 11.29
CA PRO A 675 -1.01 -2.33 11.50
C PRO A 675 -1.21 -1.31 12.61
N ASN A 676 -0.32 -1.29 13.59
CA ASN A 676 -0.46 -0.41 14.74
C ASN A 676 0.90 -0.05 15.30
N GLU A 677 0.94 1.06 16.04
CA GLU A 677 2.18 1.47 16.69
C GLU A 677 2.61 0.46 17.74
N THR A 678 1.66 -0.06 18.51
CA THR A 678 1.96 -1.05 19.52
C THR A 678 2.16 -2.42 18.88
N LYS A 679 2.77 -3.33 19.65
CA LYS A 679 3.03 -4.67 19.15
C LYS A 679 1.79 -5.55 19.14
N SER A 680 0.69 -5.11 19.74
CA SER A 680 -0.49 -5.94 19.82
C SER A 680 -1.10 -6.13 18.43
N PRO A 681 -1.67 -7.30 18.15
CA PRO A 681 -2.38 -7.51 16.88
C PRO A 681 -3.82 -7.04 16.99
N GLY A 682 -4.54 -7.16 15.88
CA GLY A 682 -5.94 -6.80 15.86
C GLY A 682 -6.17 -5.30 15.88
N VAL A 683 -5.66 -4.64 16.92
CA VAL A 683 -5.79 -3.19 17.02
C VAL A 683 -5.01 -2.52 15.90
N MET A 684 -5.57 -1.45 15.35
CA MET A 684 -4.97 -0.72 14.23
C MET A 684 -5.16 0.77 14.44
N ASP A 685 -4.09 1.53 14.22
CA ASP A 685 -4.12 2.99 14.32
C ASP A 685 -4.33 3.54 12.92
N ASN A 686 -5.54 4.02 12.65
CA ASN A 686 -5.87 4.48 11.30
C ASN A 686 -4.92 5.57 10.81
N PRO A 687 -4.57 6.57 11.61
CA PRO A 687 -3.61 7.58 11.10
C PRO A 687 -2.28 6.97 10.69
N LEU A 688 -1.78 5.99 11.46
CA LEU A 688 -0.52 5.36 11.12
C LEU A 688 -0.61 4.64 9.78
N VAL A 689 -1.67 3.87 9.58
CA VAL A 689 -1.82 3.13 8.33
C VAL A 689 -2.00 4.08 7.16
N MET A 690 -2.76 5.17 7.37
CA MET A 690 -2.92 6.15 6.31
C MET A 690 -1.59 6.78 5.93
N HIS A 691 -0.78 7.13 6.93
CA HIS A 691 0.53 7.71 6.64
C HIS A 691 1.41 6.72 5.90
N GLN A 692 1.40 5.45 6.34
CA GLN A 692 2.22 4.44 5.67
C GLN A 692 1.77 4.26 4.23
N LEU A 693 0.46 4.22 3.98
CA LEU A 693 -0.04 4.07 2.62
C LEU A 693 0.32 5.29 1.78
N ARG A 694 0.24 6.49 2.36
CA ARG A 694 0.62 7.69 1.62
C ARG A 694 2.09 7.65 1.23
N CYS A 695 2.96 7.20 2.14
CA CYS A 695 4.38 7.14 1.85
C CYS A 695 4.75 5.97 0.96
N ASN A 696 3.90 4.94 0.87
CA ASN A 696 4.20 3.76 0.08
C ASN A 696 3.86 3.91 -1.40
N GLY A 697 3.12 4.96 -1.77
CA GLY A 697 2.75 5.16 -3.16
C GLY A 697 1.57 4.36 -3.64
N VAL A 698 0.96 3.54 -2.78
CA VAL A 698 -0.21 2.77 -3.19
C VAL A 698 -1.33 3.71 -3.63
N LEU A 699 -1.53 4.79 -2.87
CA LEU A 699 -2.54 5.77 -3.26
C LEU A 699 -2.26 6.33 -4.65
N GLU A 700 -1.00 6.54 -4.99
CA GLU A 700 -0.66 6.99 -6.34
C GLU A 700 -1.09 5.97 -7.38
N GLY A 701 -0.83 4.68 -7.12
CA GLY A 701 -1.22 3.67 -8.07
C GLY A 701 -2.72 3.60 -8.27
N ILE A 702 -3.48 3.64 -7.18
CA ILE A 702 -4.93 3.57 -7.30
C ILE A 702 -5.47 4.82 -7.98
N ARG A 703 -4.86 5.98 -7.71
CA ARG A 703 -5.30 7.20 -8.39
C ARG A 703 -5.04 7.10 -9.89
N ILE A 704 -3.86 6.60 -10.28
CA ILE A 704 -3.57 6.43 -11.69
C ILE A 704 -4.55 5.47 -12.34
N CYS A 705 -4.85 4.37 -11.65
CA CYS A 705 -5.83 3.42 -12.19
C CYS A 705 -7.20 4.06 -12.34
N ARG A 706 -7.59 4.90 -11.38
CA ARG A 706 -8.93 5.48 -11.40
C ARG A 706 -9.15 6.37 -12.62
N LYS A 707 -8.14 7.18 -12.98
CA LYS A 707 -8.33 8.13 -14.07
C LYS A 707 -8.56 7.45 -15.41
N GLY A 708 -8.30 6.14 -15.52
CA GLY A 708 -8.64 5.41 -16.73
C GLY A 708 -10.05 4.86 -16.66
N PHE A 709 -10.20 3.57 -16.98
CA PHE A 709 -11.48 2.87 -16.90
C PHE A 709 -11.25 1.63 -16.04
N PRO A 710 -11.13 1.81 -14.72
CA PRO A 710 -10.65 0.70 -13.89
C PRO A 710 -11.52 -0.53 -13.92
N ASN A 711 -12.85 -0.41 -14.00
CA ASN A 711 -13.71 -1.58 -13.88
C ASN A 711 -13.70 -2.33 -15.22
N ARG A 712 -13.34 -3.61 -15.19
CA ARG A 712 -13.39 -4.46 -16.36
C ARG A 712 -14.11 -5.74 -15.97
N ILE A 713 -15.23 -6.03 -16.65
CA ILE A 713 -16.05 -7.17 -16.26
C ILE A 713 -16.43 -7.98 -17.49
N LEU A 714 -16.70 -9.27 -17.26
CA LEU A 714 -17.09 -10.18 -18.32
C LEU A 714 -18.51 -9.89 -18.79
N TYR A 715 -18.73 -10.07 -20.09
CA TYR A 715 -20.07 -9.84 -20.65
C TYR A 715 -21.06 -10.87 -20.12
N GLY A 716 -20.64 -12.12 -19.98
CA GLY A 716 -21.57 -13.15 -19.51
C GLY A 716 -22.08 -12.88 -18.12
N ASP A 717 -21.18 -12.55 -17.20
CA ASP A 717 -21.60 -12.27 -15.83
C ASP A 717 -22.48 -11.03 -15.76
N PHE A 718 -22.13 -10.00 -16.52
CA PHE A 718 -22.95 -8.79 -16.55
C PHE A 718 -24.35 -9.09 -17.06
N ARG A 719 -24.45 -9.91 -18.11
CA ARG A 719 -25.76 -10.25 -18.66
C ARG A 719 -26.56 -11.13 -17.70
N GLN A 720 -25.89 -12.03 -16.98
CA GLN A 720 -26.60 -12.94 -16.08
C GLN A 720 -26.88 -12.33 -14.71
N ARG A 721 -26.30 -11.17 -14.39
CA ARG A 721 -26.49 -10.54 -13.09
C ARG A 721 -27.04 -9.13 -13.15
N TYR A 722 -27.13 -8.52 -14.33
CA TYR A 722 -27.59 -7.14 -14.44
C TYR A 722 -28.56 -6.92 -15.60
N ARG A 723 -28.96 -7.97 -16.31
CA ARG A 723 -29.92 -7.83 -17.39
C ARG A 723 -31.36 -7.77 -16.90
N ILE A 724 -31.61 -8.08 -15.62
CA ILE A 724 -32.97 -8.11 -15.11
C ILE A 724 -33.58 -6.72 -15.08
N LEU A 725 -32.76 -5.66 -15.15
CA LEU A 725 -33.29 -4.31 -15.15
C LEU A 725 -34.21 -4.09 -16.34
N ASN A 726 -33.72 -4.39 -17.55
CA ASN A 726 -34.50 -4.22 -18.78
C ASN A 726 -34.34 -5.46 -19.64
N PRO A 727 -34.95 -6.57 -19.25
CA PRO A 727 -34.83 -7.81 -20.03
C PRO A 727 -35.65 -7.75 -21.30
N ALA A 728 -35.28 -8.61 -22.24
CA ALA A 728 -35.98 -8.71 -23.51
C ALA A 728 -36.00 -10.16 -24.00
N SER A 738 -23.12 -11.33 -28.11
CA SER A 738 -23.47 -10.51 -26.96
C SER A 738 -23.32 -9.02 -27.27
N ARG A 739 -22.83 -8.71 -28.47
CA ARG A 739 -22.65 -7.31 -28.85
C ARG A 739 -23.99 -6.58 -28.89
N LYS A 740 -24.95 -7.13 -29.63
CA LYS A 740 -26.24 -6.47 -29.79
C LYS A 740 -26.98 -6.38 -28.45
N GLY A 741 -26.97 -7.47 -27.68
CA GLY A 741 -27.65 -7.44 -26.40
C GLY A 741 -27.06 -6.42 -25.45
N ALA A 742 -25.74 -6.41 -25.33
CA ALA A 742 -25.09 -5.47 -24.42
C ALA A 742 -25.29 -4.03 -24.85
N GLU A 743 -25.13 -3.76 -26.15
CA GLU A 743 -25.31 -2.38 -26.63
C GLU A 743 -26.75 -1.92 -26.44
N LYS A 744 -27.72 -2.80 -26.72
CA LYS A 744 -29.12 -2.45 -26.49
C LYS A 744 -29.38 -2.17 -25.02
N LEU A 745 -28.87 -3.02 -24.12
CA LEU A 745 -29.11 -2.84 -22.71
C LEU A 745 -28.53 -1.52 -22.21
N LEU A 746 -27.30 -1.22 -22.62
CA LEU A 746 -26.68 0.03 -22.17
C LEU A 746 -27.35 1.24 -22.80
N SER A 747 -27.85 1.12 -24.04
CA SER A 747 -28.56 2.24 -24.65
C SER A 747 -29.87 2.52 -23.93
N SER A 748 -30.62 1.47 -23.60
CA SER A 748 -31.90 1.66 -22.92
C SER A 748 -31.74 2.20 -21.51
N LEU A 749 -30.59 1.94 -20.87
CA LEU A 749 -30.37 2.39 -19.50
C LEU A 749 -30.23 3.91 -19.40
N ASP A 750 -30.11 4.61 -20.53
CA ASP A 750 -30.02 6.07 -20.54
C ASP A 750 -28.80 6.55 -19.74
N ILE A 751 -27.62 6.13 -20.21
CA ILE A 751 -26.35 6.51 -19.61
C ILE A 751 -25.45 7.06 -20.71
N ASP A 752 -24.81 8.20 -20.46
CA ASP A 752 -23.94 8.79 -21.45
C ASP A 752 -22.82 7.84 -21.81
N HIS A 753 -22.53 7.75 -23.11
CA HIS A 753 -21.52 6.80 -23.60
C HIS A 753 -20.14 7.10 -23.04
N ASN A 754 -19.82 8.38 -22.82
CA ASN A 754 -18.47 8.76 -22.43
C ASN A 754 -18.04 8.12 -21.11
N GLN A 755 -19.00 7.70 -20.28
CA GLN A 755 -18.66 7.14 -18.99
C GLN A 755 -18.18 5.69 -19.05
N TYR A 756 -18.26 5.05 -20.21
CA TYR A 756 -17.84 3.66 -20.34
C TYR A 756 -17.32 3.42 -21.75
N LYS A 757 -16.48 2.39 -21.87
CA LYS A 757 -15.93 1.97 -23.14
C LYS A 757 -16.38 0.54 -23.42
N PHE A 758 -16.83 0.29 -24.64
CA PHE A 758 -17.36 -1.01 -25.03
C PHE A 758 -16.26 -1.80 -25.74
N GLY A 759 -16.11 -3.07 -25.35
CA GLY A 759 -15.11 -3.93 -25.95
C GLY A 759 -15.72 -5.16 -26.60
N HIS A 760 -14.88 -6.12 -26.99
CA HIS A 760 -15.33 -7.34 -27.62
C HIS A 760 -15.37 -8.53 -26.65
N THR A 761 -14.50 -8.54 -25.66
CA THR A 761 -14.44 -9.61 -24.67
C THR A 761 -14.74 -9.14 -23.26
N LYS A 762 -14.24 -7.98 -22.87
CA LYS A 762 -14.48 -7.39 -21.56
C LYS A 762 -15.08 -6.01 -21.73
N VAL A 763 -16.04 -5.68 -20.87
CA VAL A 763 -16.68 -4.37 -20.90
C VAL A 763 -16.06 -3.50 -19.81
N PHE A 764 -15.77 -2.26 -20.18
CA PHE A 764 -15.00 -1.34 -19.35
C PHE A 764 -15.92 -0.24 -18.82
N PHE A 765 -15.96 -0.10 -17.49
CA PHE A 765 -16.80 0.86 -16.80
C PHE A 765 -15.96 1.68 -15.83
N LYS A 766 -16.47 2.88 -15.54
CA LYS A 766 -15.90 3.76 -14.54
C LYS A 766 -16.38 3.35 -13.15
N ALA A 767 -15.77 3.95 -12.12
CA ALA A 767 -16.09 3.57 -10.76
C ALA A 767 -17.55 3.83 -10.43
N GLY A 768 -18.07 5.00 -10.79
CA GLY A 768 -19.41 5.38 -10.38
C GLY A 768 -20.52 4.64 -11.09
N LEU A 769 -20.27 4.15 -12.31
CA LEU A 769 -21.32 3.50 -13.07
C LEU A 769 -21.79 2.22 -12.37
N LEU A 770 -20.85 1.47 -11.79
CA LEU A 770 -21.23 0.26 -11.07
C LEU A 770 -22.14 0.59 -9.89
N GLY A 771 -21.83 1.65 -9.14
CA GLY A 771 -22.69 2.04 -8.03
C GLY A 771 -24.07 2.48 -8.52
N LEU A 772 -24.11 3.24 -9.61
CA LEU A 772 -25.40 3.65 -10.16
C LEU A 772 -26.25 2.44 -10.52
N LEU A 773 -25.66 1.51 -11.28
CA LEU A 773 -26.35 0.26 -11.59
C LEU A 773 -26.72 -0.49 -10.32
N GLU A 774 -25.97 -0.29 -9.24
CA GLU A 774 -26.29 -0.98 -7.99
C GLU A 774 -27.60 -0.46 -7.39
N GLU A 775 -27.77 0.85 -7.29
CA GLU A 775 -29.06 1.29 -6.74
C GLU A 775 -30.17 1.00 -7.74
N MET A 776 -29.87 0.98 -9.04
CA MET A 776 -30.88 0.55 -10.00
C MET A 776 -31.31 -0.89 -9.71
N ARG A 777 -30.36 -1.77 -9.42
CA ARG A 777 -30.68 -3.14 -9.06
C ARG A 777 -31.51 -3.19 -7.79
N ASP A 778 -31.16 -2.38 -6.80
CA ASP A 778 -31.90 -2.36 -5.55
C ASP A 778 -33.35 -1.96 -5.79
N GLU A 779 -33.56 -0.89 -6.56
CA GLU A 779 -34.92 -0.45 -6.86
C GLU A 779 -35.68 -1.51 -7.63
N ARG A 780 -35.04 -2.12 -8.64
CA ARG A 780 -35.73 -3.12 -9.45
C ARG A 780 -36.12 -4.34 -8.62
N LEU A 781 -35.23 -4.79 -7.73
CA LEU A 781 -35.56 -5.95 -6.91
C LEU A 781 -36.63 -5.61 -5.87
N SER A 782 -36.64 -4.38 -5.36
CA SER A 782 -37.73 -3.97 -4.48
C SER A 782 -39.06 -4.02 -5.22
N ARG A 783 -39.10 -3.49 -6.44
CA ARG A 783 -40.32 -3.55 -7.24
C ARG A 783 -40.72 -4.99 -7.52
N ILE A 784 -39.75 -5.85 -7.81
CA ILE A 784 -40.04 -7.25 -8.07
C ILE A 784 -40.64 -7.92 -6.84
N ILE A 785 -40.07 -7.62 -5.66
CA ILE A 785 -40.62 -8.19 -4.43
C ILE A 785 -42.05 -7.72 -4.22
N THR A 786 -42.31 -6.43 -4.44
CA THR A 786 -43.67 -5.93 -4.30
C THR A 786 -44.62 -6.63 -5.27
N ARG A 787 -44.20 -6.80 -6.52
CA ARG A 787 -45.05 -7.46 -7.50
C ARG A 787 -45.29 -8.92 -7.15
N ILE A 788 -44.27 -9.60 -6.63
CA ILE A 788 -44.43 -10.99 -6.23
C ILE A 788 -45.42 -11.10 -5.07
N GLN A 789 -45.30 -10.19 -4.10
CA GLN A 789 -46.27 -10.20 -3.01
C GLN A 789 -47.68 -9.94 -3.51
N ALA A 790 -47.83 -9.00 -4.44
CA ALA A 790 -49.15 -8.72 -5.00
C ALA A 790 -49.72 -9.93 -5.72
N GLN A 791 -48.89 -10.62 -6.51
CA GLN A 791 -49.36 -11.81 -7.21
C GLN A 791 -49.73 -12.92 -6.23
N SER A 792 -48.92 -13.13 -5.20
CA SER A 792 -49.24 -14.16 -4.22
C SER A 792 -50.55 -13.87 -3.53
N ARG A 793 -50.79 -12.59 -3.19
CA ARG A 793 -52.08 -12.22 -2.62
C ARG A 793 -53.21 -12.45 -3.63
N GLY A 794 -52.94 -12.19 -4.91
CA GLY A 794 -53.92 -12.50 -5.94
C GLY A 794 -54.31 -13.96 -5.95
N VAL A 795 -53.32 -14.85 -5.77
CA VAL A 795 -53.61 -16.27 -5.67
C VAL A 795 -54.53 -16.53 -4.47
N LEU A 796 -54.23 -15.92 -3.34
CA LEU A 796 -55.04 -16.10 -2.13
C LEU A 796 -56.46 -15.57 -2.36
N LYS B 43 -70.92 -3.81 -15.97
CA LYS B 43 -72.11 -3.95 -15.15
C LYS B 43 -72.18 -5.36 -14.54
N GLU B 44 -71.96 -6.37 -15.38
CA GLU B 44 -72.00 -7.74 -14.89
C GLU B 44 -70.94 -7.97 -13.81
N GLN B 45 -69.74 -7.42 -14.00
CA GLN B 45 -68.71 -7.55 -12.99
C GLN B 45 -69.08 -6.80 -11.71
N GLN B 46 -69.81 -5.69 -11.84
CA GLN B 46 -70.33 -5.03 -10.64
C GLN B 46 -71.27 -5.94 -9.88
N GLU B 47 -72.17 -6.63 -10.59
CA GLU B 47 -73.08 -7.56 -9.94
C GLU B 47 -72.32 -8.70 -9.27
N ASP B 48 -71.29 -9.22 -9.95
CA ASP B 48 -70.49 -10.29 -9.37
C ASP B 48 -69.78 -9.82 -8.11
N PHE B 49 -69.24 -8.60 -8.13
CA PHE B 49 -68.57 -8.07 -6.94
C PHE B 49 -69.56 -7.87 -5.79
N LYS B 50 -70.77 -7.39 -6.09
CA LYS B 50 -71.78 -7.28 -5.05
C LYS B 50 -72.15 -8.64 -4.48
N GLU B 51 -72.25 -9.65 -5.36
CA GLU B 51 -72.53 -11.00 -4.90
C GLU B 51 -71.42 -11.50 -3.99
N ALA B 52 -70.16 -11.22 -4.33
CA ALA B 52 -69.06 -11.62 -3.48
C ALA B 52 -69.12 -10.91 -2.13
N PHE B 53 -69.44 -9.61 -2.13
CA PHE B 53 -69.57 -8.88 -0.88
C PHE B 53 -70.67 -9.48 -0.01
N LEU B 54 -71.80 -9.81 -0.61
CA LEU B 54 -72.87 -10.48 0.13
C LEU B 54 -72.40 -11.83 0.67
N LEU B 55 -71.64 -12.57 -0.13
CA LEU B 55 -71.12 -13.86 0.32
C LEU B 55 -70.24 -13.71 1.55
N PHE B 56 -69.37 -12.70 1.55
CA PHE B 56 -68.36 -12.54 2.58
C PHE B 56 -68.89 -11.84 3.83
N ASP B 57 -70.15 -11.41 3.84
CA ASP B 57 -70.73 -10.82 5.04
C ASP B 57 -70.81 -11.86 6.15
N ARG B 58 -70.43 -11.45 7.36
CA ARG B 58 -70.43 -12.34 8.51
C ARG B 58 -71.32 -11.85 9.64
N THR B 59 -71.31 -10.56 9.94
CA THR B 59 -72.12 -10.02 11.02
C THR B 59 -73.60 -9.97 10.70
N GLY B 60 -73.98 -10.14 9.44
CA GLY B 60 -75.36 -10.03 9.04
C GLY B 60 -75.88 -8.63 8.92
N GLU B 61 -75.02 -7.62 9.10
CA GLU B 61 -75.40 -6.21 9.00
C GLU B 61 -75.08 -5.63 7.64
N CYS B 62 -74.63 -6.45 6.68
CA CYS B 62 -74.16 -5.96 5.39
C CYS B 62 -72.99 -5.00 5.57
N LYS B 63 -72.20 -5.21 6.63
CA LYS B 63 -71.07 -4.35 6.96
C LYS B 63 -69.86 -5.22 7.22
N ILE B 64 -68.80 -5.00 6.44
CA ILE B 64 -67.52 -5.69 6.61
C ILE B 64 -66.40 -4.69 6.46
N THR B 65 -65.28 -4.96 7.11
CA THR B 65 -64.17 -4.03 7.13
C THR B 65 -63.48 -4.00 5.76
N LEU B 66 -62.41 -3.21 5.68
CA LEU B 66 -61.74 -2.97 4.41
C LEU B 66 -60.95 -4.16 3.93
N SER B 67 -60.54 -5.06 4.82
CA SER B 67 -59.75 -6.21 4.42
C SER B 67 -60.53 -7.10 3.45
N GLN B 68 -61.83 -7.30 3.70
CA GLN B 68 -62.62 -8.13 2.81
C GLN B 68 -62.71 -7.54 1.41
N VAL B 69 -62.93 -6.23 1.30
CA VAL B 69 -62.96 -5.58 -0.02
C VAL B 69 -61.61 -5.69 -0.70
N GLY B 70 -60.54 -5.48 0.08
CA GLY B 70 -59.21 -5.61 -0.49
C GLY B 70 -58.95 -6.99 -1.05
N ASP B 71 -59.37 -8.03 -0.32
CA ASP B 71 -59.21 -9.39 -0.81
C ASP B 71 -60.10 -9.64 -2.02
N VAL B 72 -61.34 -9.12 -2.00
CA VAL B 72 -62.26 -9.32 -3.11
C VAL B 72 -61.64 -8.78 -4.40
N LEU B 73 -61.12 -7.56 -4.36
CA LEU B 73 -60.40 -7.03 -5.51
C LEU B 73 -59.16 -7.85 -5.79
N ARG B 74 -58.49 -8.32 -4.74
CA ARG B 74 -57.25 -9.07 -4.91
C ARG B 74 -57.48 -10.36 -5.68
N ALA B 75 -58.57 -11.06 -5.38
CA ALA B 75 -58.84 -12.36 -5.99
C ALA B 75 -59.75 -12.27 -7.21
N LEU B 76 -60.02 -11.06 -7.72
CA LEU B 76 -60.96 -10.88 -8.82
C LEU B 76 -60.39 -9.96 -9.88
N GLY B 77 -59.15 -10.22 -10.32
CA GLY B 77 -58.60 -9.59 -11.50
C GLY B 77 -57.60 -8.48 -11.24
N THR B 78 -57.43 -8.03 -10.00
CA THR B 78 -56.47 -6.98 -9.69
C THR B 78 -55.68 -7.37 -8.45
N ASN B 79 -54.48 -6.80 -8.34
CA ASN B 79 -53.56 -7.10 -7.25
C ASN B 79 -53.06 -5.78 -6.65
N PRO B 80 -53.93 -5.06 -5.94
CA PRO B 80 -53.51 -3.79 -5.33
C PRO B 80 -52.77 -4.04 -4.01
N THR B 81 -51.49 -3.71 -3.99
CA THR B 81 -50.67 -3.94 -2.81
C THR B 81 -51.23 -3.18 -1.61
N ASN B 82 -50.71 -3.52 -0.43
CA ASN B 82 -51.18 -2.87 0.79
C ASN B 82 -50.98 -1.37 0.73
N ALA B 83 -49.88 -0.92 0.12
CA ALA B 83 -49.66 0.51 -0.03
C ALA B 83 -50.77 1.14 -0.88
N GLU B 84 -51.14 0.48 -1.98
CA GLU B 84 -52.22 1.00 -2.81
C GLU B 84 -53.54 0.99 -2.04
N VAL B 85 -53.78 -0.05 -1.24
CA VAL B 85 -55.00 -0.11 -0.45
C VAL B 85 -55.07 1.06 0.53
N LYS B 86 -53.96 1.33 1.20
CA LYS B 86 -53.91 2.47 2.11
C LYS B 86 -54.13 3.78 1.36
N LYS B 87 -53.50 3.93 0.19
CA LYS B 87 -53.64 5.18 -0.57
C LYS B 87 -55.09 5.41 -0.99
N VAL B 88 -55.75 4.37 -1.48
CA VAL B 88 -57.14 4.53 -1.93
C VAL B 88 -58.11 4.63 -0.76
N LEU B 89 -57.72 4.16 0.43
CA LEU B 89 -58.59 4.20 1.60
C LEU B 89 -58.14 5.25 2.62
N GLY B 90 -57.24 6.16 2.24
CA GLY B 90 -56.81 7.20 3.14
C GLY B 90 -55.90 6.75 4.26
N ASN B 91 -55.24 5.60 4.10
CA ASN B 91 -54.29 5.11 5.08
C ASN B 91 -54.95 4.90 6.43
N PRO B 92 -55.91 3.98 6.54
CA PRO B 92 -56.47 3.67 7.86
C PRO B 92 -55.40 3.17 8.82
N SER B 93 -55.49 3.63 10.07
CA SER B 93 -54.55 3.22 11.10
C SER B 93 -54.97 1.88 11.69
N ASN B 94 -54.35 1.50 12.80
CA ASN B 94 -54.64 0.21 13.42
C ASN B 94 -56.08 0.15 13.91
N GLU B 95 -56.60 1.27 14.42
CA GLU B 95 -57.99 1.29 14.87
C GLU B 95 -58.95 1.55 13.72
N GLU B 96 -58.58 2.42 12.77
CA GLU B 96 -59.47 2.74 11.66
C GLU B 96 -59.75 1.54 10.76
N MET B 97 -58.87 0.54 10.75
CA MET B 97 -59.07 -0.59 9.85
C MET B 97 -60.38 -1.31 10.17
N ASN B 98 -60.67 -1.48 11.46
CA ASN B 98 -61.88 -2.15 11.90
C ASN B 98 -62.90 -1.19 12.51
N ALA B 99 -62.61 0.11 12.52
CA ALA B 99 -63.55 1.09 13.05
C ALA B 99 -64.58 1.49 12.00
N LYS B 100 -64.12 2.00 10.86
CA LYS B 100 -65.00 2.49 9.82
C LYS B 100 -65.13 1.48 8.68
N LYS B 101 -66.31 1.46 8.07
CA LYS B 101 -66.59 0.59 6.94
C LYS B 101 -67.32 1.38 5.87
N ILE B 102 -67.06 1.03 4.61
CA ILE B 102 -67.62 1.73 3.47
C ILE B 102 -68.68 0.85 2.81
N GLU B 103 -69.42 1.45 1.87
CA GLU B 103 -70.49 0.78 1.15
C GLU B 103 -70.07 0.59 -0.31
N PHE B 104 -70.81 -0.31 -0.99
CA PHE B 104 -70.53 -0.58 -2.39
C PHE B 104 -70.56 0.70 -3.22
N GLU B 105 -71.41 1.65 -2.86
CA GLU B 105 -71.49 2.89 -3.60
C GLU B 105 -70.16 3.63 -3.57
N GLN B 106 -69.53 3.71 -2.41
CA GLN B 106 -68.18 4.25 -2.31
C GLN B 106 -67.13 3.28 -2.82
N PHE B 107 -67.49 2.01 -3.02
CA PHE B 107 -66.56 1.08 -3.65
C PHE B 107 -66.45 1.31 -5.14
N LEU B 108 -67.49 1.83 -5.77
CA LEU B 108 -67.43 2.07 -7.21
C LEU B 108 -66.28 2.99 -7.61
N PRO B 109 -66.12 4.17 -7.01
CA PRO B 109 -65.01 5.05 -7.45
C PRO B 109 -63.63 4.43 -7.25
N MET B 110 -63.39 3.74 -6.14
CA MET B 110 -62.06 3.22 -5.87
C MET B 110 -61.73 2.07 -6.81
N MET B 111 -62.68 1.17 -7.07
CA MET B 111 -62.45 0.12 -8.05
C MET B 111 -62.25 0.70 -9.45
N GLN B 112 -63.03 1.73 -9.80
CA GLN B 112 -62.85 2.37 -11.10
C GLN B 112 -61.45 2.95 -11.24
N ALA B 113 -60.96 3.60 -10.19
CA ALA B 113 -59.61 4.15 -10.22
C ALA B 113 -58.56 3.05 -10.29
N ILE B 114 -58.73 1.97 -9.53
CA ILE B 114 -57.74 0.90 -9.50
C ILE B 114 -57.68 0.20 -10.85
N SER B 115 -58.82 0.06 -11.53
CA SER B 115 -58.82 -0.55 -12.85
C SER B 115 -57.94 0.20 -13.83
N ASN B 116 -57.66 1.47 -13.56
CA ASN B 116 -56.80 2.27 -14.41
C ASN B 116 -55.32 2.12 -14.08
N ASN B 117 -54.98 1.35 -13.05
CA ASN B 117 -53.59 1.10 -12.68
C ASN B 117 -53.13 -0.21 -13.31
N LYS B 118 -52.12 -0.13 -14.18
CA LYS B 118 -51.67 -1.28 -14.94
C LYS B 118 -50.28 -1.77 -14.54
N ASP B 119 -49.68 -1.18 -13.51
CA ASP B 119 -48.34 -1.58 -13.07
C ASP B 119 -48.45 -2.91 -12.34
N GLN B 120 -48.48 -3.99 -13.13
CA GLN B 120 -48.61 -5.34 -12.58
C GLN B 120 -47.46 -6.26 -12.97
N GLY B 121 -46.45 -5.76 -13.68
CA GLY B 121 -45.33 -6.57 -14.07
C GLY B 121 -45.62 -7.43 -15.28
N GLY B 122 -44.66 -8.31 -15.59
CA GLY B 122 -44.79 -9.21 -16.72
C GLY B 122 -44.22 -10.57 -16.39
N TYR B 123 -44.61 -11.55 -17.21
CA TYR B 123 -44.14 -12.92 -17.00
C TYR B 123 -42.62 -12.98 -17.01
N GLU B 124 -42.00 -12.41 -18.06
CA GLU B 124 -40.55 -12.38 -18.13
C GLU B 124 -39.95 -11.62 -16.96
N ASP B 125 -40.62 -10.55 -16.51
CA ASP B 125 -40.11 -9.81 -15.36
C ASP B 125 -40.05 -10.68 -14.12
N PHE B 126 -41.12 -11.42 -13.85
CA PHE B 126 -41.13 -12.31 -12.69
C PHE B 126 -40.09 -13.41 -12.84
N VAL B 127 -39.96 -13.96 -14.05
CA VAL B 127 -39.00 -15.03 -14.28
C VAL B 127 -37.59 -14.52 -14.00
N GLU B 128 -37.25 -13.35 -14.53
CA GLU B 128 -35.92 -12.78 -14.30
C GLU B 128 -35.71 -12.48 -12.82
N GLY B 129 -36.72 -11.93 -12.16
CA GLY B 129 -36.58 -11.63 -10.74
C GLY B 129 -36.31 -12.87 -9.91
N LEU B 130 -37.01 -13.96 -10.22
CA LEU B 130 -36.76 -15.23 -9.53
C LEU B 130 -35.42 -15.84 -9.94
N ARG B 131 -34.93 -15.52 -11.14
CA ARG B 131 -33.66 -16.09 -11.59
C ARG B 131 -32.51 -15.69 -10.67
N VAL B 132 -32.62 -14.55 -9.98
CA VAL B 132 -31.51 -14.04 -9.19
C VAL B 132 -31.09 -15.02 -8.11
N PHE B 133 -31.96 -15.91 -7.68
CA PHE B 133 -31.66 -16.87 -6.62
C PHE B 133 -31.13 -18.19 -7.15
N ASP B 134 -31.02 -18.35 -8.47
CA ASP B 134 -30.49 -19.58 -9.07
C ASP B 134 -28.97 -19.48 -9.08
N LYS B 135 -28.38 -19.61 -7.90
CA LYS B 135 -26.92 -19.52 -7.78
C LYS B 135 -26.23 -20.64 -8.55
N GLU B 136 -26.77 -21.86 -8.52
CA GLU B 136 -26.19 -22.99 -9.22
C GLU B 136 -26.58 -23.02 -10.69
N GLY B 137 -27.59 -22.27 -11.11
CA GLY B 137 -28.03 -22.28 -12.49
C GLY B 137 -28.82 -23.50 -12.89
N ASN B 138 -29.19 -24.35 -11.95
CA ASN B 138 -29.91 -25.59 -12.25
C ASN B 138 -31.43 -25.42 -12.20
N GLY B 139 -31.92 -24.23 -11.87
CA GLY B 139 -33.35 -23.98 -11.83
C GLY B 139 -34.05 -24.51 -10.61
N THR B 140 -33.32 -25.00 -9.62
CA THR B 140 -33.88 -25.51 -8.38
C THR B 140 -33.49 -24.59 -7.23
N VAL B 141 -34.49 -24.14 -6.48
CA VAL B 141 -34.29 -23.26 -5.33
C VAL B 141 -34.88 -23.96 -4.10
N MET B 142 -34.05 -24.14 -3.08
CA MET B 142 -34.52 -24.79 -1.86
C MET B 142 -35.58 -23.94 -1.18
N GLY B 143 -36.51 -24.61 -0.49
CA GLY B 143 -37.61 -23.91 0.15
C GLY B 143 -37.17 -22.98 1.25
N ALA B 144 -36.04 -23.28 1.91
CA ALA B 144 -35.59 -22.46 3.02
C ALA B 144 -35.23 -21.05 2.56
N GLU B 145 -34.52 -20.93 1.44
CA GLU B 145 -34.09 -19.62 0.98
C GLU B 145 -35.29 -18.73 0.64
N LEU B 146 -36.23 -19.27 -0.13
CA LEU B 146 -37.42 -18.50 -0.46
C LEU B 146 -38.26 -18.21 0.78
N ARG B 147 -38.30 -19.14 1.72
CA ARG B 147 -39.03 -18.89 2.97
C ARG B 147 -38.45 -17.70 3.72
N HIS B 148 -37.12 -17.68 3.89
CA HIS B 148 -36.49 -16.54 4.54
C HIS B 148 -36.72 -15.26 3.77
N VAL B 149 -36.59 -15.31 2.44
CA VAL B 149 -36.76 -14.10 1.65
C VAL B 149 -38.16 -13.54 1.82
N LEU B 150 -39.17 -14.41 1.79
CA LEU B 150 -40.55 -13.94 1.86
C LEU B 150 -40.91 -13.48 3.26
N ALA B 151 -40.42 -14.17 4.29
CA ALA B 151 -40.79 -13.84 5.66
C ALA B 151 -39.91 -12.76 6.28
N THR B 152 -38.83 -12.35 5.60
CA THR B 152 -37.93 -11.32 6.13
C THR B 152 -37.77 -10.11 5.23
N LEU B 153 -38.00 -10.25 3.93
CA LEU B 153 -37.87 -9.15 2.99
C LEU B 153 -39.24 -8.78 2.43
N GLY B 154 -39.45 -7.48 2.20
CA GLY B 154 -40.73 -7.04 1.70
C GLY B 154 -41.80 -7.10 2.78
N GLU B 155 -43.06 -7.04 2.33
CA GLU B 155 -44.18 -7.09 3.26
C GLU B 155 -44.32 -8.49 3.86
N LYS B 156 -45.06 -8.57 4.96
CA LYS B 156 -45.15 -9.78 5.76
C LYS B 156 -46.39 -10.56 5.37
N MET B 157 -46.26 -11.89 5.34
CA MET B 157 -47.38 -12.79 5.13
C MET B 157 -47.48 -13.74 6.31
N LYS B 158 -48.71 -13.99 6.75
CA LYS B 158 -48.94 -14.82 7.92
C LYS B 158 -48.52 -16.26 7.64
N GLU B 159 -47.99 -16.93 8.67
CA GLU B 159 -47.53 -18.30 8.50
C GLU B 159 -48.69 -19.23 8.13
N GLU B 160 -49.89 -18.95 8.63
CA GLU B 160 -51.04 -19.77 8.25
C GLU B 160 -51.32 -19.64 6.76
N GLU B 161 -51.18 -18.43 6.21
CA GLU B 161 -51.30 -18.27 4.76
C GLU B 161 -50.25 -19.10 4.04
N VAL B 162 -49.02 -19.11 4.56
CA VAL B 162 -47.95 -19.88 3.93
C VAL B 162 -48.30 -21.36 3.90
N GLU B 163 -48.68 -21.92 5.06
CA GLU B 163 -48.96 -23.35 5.12
C GLU B 163 -50.21 -23.72 4.33
N ALA B 164 -51.17 -22.80 4.23
CA ALA B 164 -52.38 -23.11 3.46
C ALA B 164 -52.10 -23.06 1.96
N LEU B 165 -51.27 -22.11 1.52
CA LEU B 165 -51.04 -21.90 0.09
C LEU B 165 -49.77 -22.56 -0.41
N LEU B 166 -48.85 -22.93 0.48
CA LEU B 166 -47.53 -23.43 0.09
C LEU B 166 -47.25 -24.77 0.75
N ALA B 167 -48.22 -25.68 0.67
CA ALA B 167 -48.09 -27.03 1.20
C ALA B 167 -48.34 -28.04 0.10
N GLY B 168 -47.48 -29.05 0.01
CA GLY B 168 -47.64 -30.14 -0.92
C GLY B 168 -46.85 -30.00 -2.20
N GLN B 169 -46.44 -28.78 -2.57
CA GLN B 169 -45.66 -28.58 -3.78
C GLN B 169 -44.17 -28.78 -3.55
N GLU B 170 -43.73 -28.93 -2.31
CA GLU B 170 -42.32 -29.14 -2.02
C GLU B 170 -41.95 -30.60 -2.24
N ASP B 171 -40.91 -30.83 -3.02
CA ASP B 171 -40.47 -32.19 -3.33
C ASP B 171 -39.75 -32.78 -2.12
N SER B 172 -39.18 -33.98 -2.29
CA SER B 172 -38.48 -34.62 -1.18
C SER B 172 -37.29 -33.81 -0.73
N ASN B 173 -36.53 -33.26 -1.68
CA ASN B 173 -35.36 -32.45 -1.37
C ASN B 173 -35.72 -31.05 -0.91
N GLY B 174 -37.00 -30.68 -0.94
CA GLY B 174 -37.41 -29.37 -0.46
C GLY B 174 -37.11 -28.22 -1.39
N CYS B 175 -36.99 -28.49 -2.69
CA CYS B 175 -36.74 -27.46 -3.68
C CYS B 175 -37.97 -27.28 -4.56
N ILE B 176 -38.25 -26.04 -4.92
CA ILE B 176 -39.40 -25.68 -5.72
C ILE B 176 -38.91 -25.06 -7.03
N ASN B 177 -39.43 -25.56 -8.15
CA ASN B 177 -39.13 -24.97 -9.44
C ASN B 177 -39.84 -23.62 -9.55
N TYR B 178 -39.05 -22.56 -9.72
CA TYR B 178 -39.64 -21.22 -9.71
C TYR B 178 -40.52 -20.99 -10.92
N GLU B 179 -40.16 -21.56 -12.07
CA GLU B 179 -40.96 -21.40 -13.27
C GLU B 179 -42.30 -22.12 -13.16
N ALA B 180 -42.28 -23.35 -12.65
CA ALA B 180 -43.52 -24.07 -12.41
C ALA B 180 -44.38 -23.32 -11.39
N PHE B 181 -43.74 -22.78 -10.35
CA PHE B 181 -44.48 -21.98 -9.37
C PHE B 181 -45.12 -20.77 -10.05
N VAL B 182 -44.40 -20.16 -10.99
CA VAL B 182 -44.96 -19.01 -11.71
C VAL B 182 -46.23 -19.43 -12.46
N LYS B 183 -46.16 -20.53 -13.22
CA LYS B 183 -47.36 -20.98 -13.91
C LYS B 183 -48.50 -21.27 -12.93
N HIS B 184 -48.20 -21.95 -11.81
CA HIS B 184 -49.27 -22.27 -10.88
C HIS B 184 -49.90 -21.02 -10.28
N ILE B 185 -49.11 -19.99 -9.96
CA ILE B 185 -49.67 -18.80 -9.35
C ILE B 185 -50.42 -17.98 -10.39
N MET B 186 -50.06 -18.12 -11.67
CA MET B 186 -50.81 -17.46 -12.72
C MET B 186 -52.21 -18.01 -12.92
N SER B 187 -52.44 -19.28 -12.59
CA SER B 187 -53.74 -19.91 -12.79
C SER B 187 -54.66 -19.76 -11.58
N VAL B 188 -54.25 -20.26 -10.42
CA VAL B 188 -55.06 -20.15 -9.22
C VAL B 188 -54.61 -18.94 -8.40
#